data_3EDD
#
_entry.id   3EDD
#
_cell.length_a   183.758
_cell.length_b   183.758
_cell.length_c   233.272
_cell.angle_alpha   90.000
_cell.angle_beta   90.000
_cell.angle_gamma   120.000
#
_symmetry.space_group_name_H-M   'H 3 2'
#
loop_
_entity.id
_entity.type
_entity.pdbx_description
1 polymer Cyclomaltodextrinase
2 branched Cyclohexakis-(1-4)-(alpha-D-glucopyranose)
3 non-polymer 'CALCIUM ION'
4 water water
#
_entity_poly.entity_id   1
_entity_poly.type   'polypeptide(L)'
_entity_poly.pdbx_seq_one_letter_code
;AAPTAIEHMEPPFWWAGMQHKGLQLMVHGRDIGRMEAALDYPGVRLVSTTRVPNANYLFVDLEIGPEAQPGSFDIVFKGD
GRSERYRYRLLAREQGSAQRQGFGPGDAIYQIMPDRFANGDPSNDNVAGMREQADRRHGGGRHGGDIRGTIDHLDYIAGL
GFTQLWPTPLVENDAAAYSYHGYAATDHYRIDPRYGSNEDFVRLSTEARKRGMGLIQDVVLSHIGKHHWWMKDLPTPDWI
NYGGKFVPTQHHRVAVQDPYAAQADSENFTKGWFVEGMPDLNQTNPLVANYLIQNNIWWIEYAGLSGLRIDTYGYSDGAF
LTEYTRRLMAEYPRLNMVGQEWSTRVPVVARWQRGKANFDGYTSHLPSLMDFPLVDAMRNALSKTGEENGLNEVYETLSL
DYLYPEPQNLVLFGGNHDMARMFSAAGEDFDRWRMNLVFLMTMPRIPQFYSGDEILMTSTVKGRDDASYRRDFPGGWAGD
KANAFSGAGLTSQQRAAQDLVRKLANWRKNQPVIHNGRLMHFGPEENTWVYFRYNKDKRIMVAMNNNDKPMTLPTARFQE
MLKGAPSGVDFLSGKTVGLGRELRLAPKSVVVIELPGLPEA
;
_entity_poly.pdbx_strand_id   A,B
#
loop_
_chem_comp.id
_chem_comp.type
_chem_comp.name
_chem_comp.formula
CA non-polymer 'CALCIUM ION' 'Ca 2'
GLC D-saccharide, alpha linking alpha-D-glucopyranose 'C6 H12 O6'
#
# COMPACT_ATOMS: atom_id res chain seq x y z
N PRO A 3 17.14 -16.90 32.21
CA PRO A 3 15.73 -16.77 31.85
C PRO A 3 14.94 -18.04 32.16
N THR A 4 13.71 -17.87 32.66
CA THR A 4 12.82 -18.99 32.95
C THR A 4 12.20 -19.52 31.65
N ALA A 5 11.31 -20.52 31.77
CA ALA A 5 10.67 -21.14 30.61
C ALA A 5 9.82 -20.15 29.82
N ILE A 6 9.20 -19.20 30.54
CA ILE A 6 8.60 -18.02 29.93
C ILE A 6 9.02 -16.81 30.76
N GLU A 7 9.99 -16.07 30.25
CA GLU A 7 10.47 -14.85 30.91
C GLU A 7 9.62 -13.66 30.49
N HIS A 8 9.21 -13.63 29.21
CA HIS A 8 8.41 -12.54 28.68
C HIS A 8 7.28 -13.04 27.79
N MET A 9 6.07 -12.56 28.07
CA MET A 9 4.90 -12.81 27.24
C MET A 9 4.37 -11.46 26.75
N GLU A 10 4.55 -11.19 25.46
CA GLU A 10 4.27 -9.86 24.93
C GLU A 10 3.38 -9.88 23.68
N PRO A 11 2.28 -9.12 23.69
CA PRO A 11 1.79 -8.32 24.83
C PRO A 11 1.26 -9.21 25.97
N PRO A 12 1.36 -8.75 27.23
CA PRO A 12 1.01 -9.54 28.41
C PRO A 12 -0.46 -9.95 28.46
N PHE A 13 -1.33 -9.12 27.90
CA PHE A 13 -2.74 -9.43 27.75
C PHE A 13 -3.34 -8.64 26.58
N TRP A 14 -4.47 -9.11 26.07
CA TRP A 14 -5.15 -8.44 24.97
C TRP A 14 -6.62 -8.19 25.30
N TRP A 15 -7.38 -7.77 24.30
CA TRP A 15 -8.79 -7.44 24.48
C TRP A 15 -9.67 -8.19 23.48
N ALA A 16 -10.90 -8.46 23.88
CA ALA A 16 -11.91 -8.97 22.97
C ALA A 16 -12.48 -7.82 22.14
N GLY A 17 -12.82 -8.12 20.89
CA GLY A 17 -13.52 -7.17 20.04
C GLY A 17 -12.69 -6.00 19.55
N MET A 18 -11.44 -6.28 19.16
CA MET A 18 -10.61 -5.29 18.49
C MET A 18 -10.98 -5.24 17.02
N GLN A 19 -10.61 -4.17 16.33
CA GLN A 19 -10.85 -4.03 14.90
C GLN A 19 -10.05 -5.06 14.11
N HIS A 20 -8.72 -5.03 14.26
CA HIS A 20 -7.83 -6.03 13.69
C HIS A 20 -7.89 -7.28 14.58
N LYS A 21 -8.40 -8.37 14.02
CA LYS A 21 -8.67 -9.60 14.77
C LYS A 21 -7.40 -10.38 15.16
N GLY A 22 -6.33 -10.21 14.39
CA GLY A 22 -5.08 -10.94 14.60
C GLY A 22 -4.28 -10.45 15.79
N LEU A 23 -3.43 -11.33 16.31
CA LEU A 23 -2.52 -11.00 17.42
C LEU A 23 -1.30 -11.93 17.41
N GLN A 24 -0.12 -11.36 17.22
CA GLN A 24 1.12 -12.13 17.24
C GLN A 24 1.81 -11.97 18.59
N LEU A 25 1.87 -13.06 19.33
CA LEU A 25 2.51 -13.08 20.63
C LEU A 25 4.00 -13.32 20.48
N MET A 26 4.79 -12.45 21.09
CA MET A 26 6.21 -12.65 21.20
C MET A 26 6.48 -13.25 22.57
N VAL A 27 6.78 -14.55 22.58
CA VAL A 27 7.09 -15.27 23.80
C VAL A 27 8.59 -15.44 23.90
N HIS A 28 9.13 -15.13 25.07
CA HIS A 28 10.55 -15.25 25.34
C HIS A 28 10.78 -16.19 26.52
N GLY A 29 11.74 -17.10 26.37
CA GLY A 29 12.02 -18.09 27.40
C GLY A 29 13.01 -19.15 26.97
N ARG A 30 13.62 -19.82 27.95
CA ARG A 30 14.62 -20.87 27.73
C ARG A 30 14.09 -21.94 26.77
N ASP A 31 14.68 -21.98 25.58
CA ASP A 31 14.31 -22.91 24.50
C ASP A 31 12.81 -22.98 24.19
N ILE A 32 12.09 -21.89 24.49
CA ILE A 32 10.66 -21.80 24.18
C ILE A 32 10.36 -22.00 22.69
N GLY A 33 11.34 -21.62 21.85
CA GLY A 33 11.21 -21.76 20.41
C GLY A 33 11.34 -23.18 19.91
N ARG A 34 11.67 -24.11 20.79
CA ARG A 34 11.78 -25.53 20.43
C ARG A 34 10.48 -26.29 20.75
N MET A 35 9.41 -25.53 20.99
CA MET A 35 8.15 -26.10 21.48
C MET A 35 6.94 -25.74 20.62
N GLU A 36 6.02 -26.70 20.50
CA GLU A 36 4.74 -26.52 19.84
C GLU A 36 3.76 -25.85 20.81
N ALA A 37 2.89 -24.99 20.28
CA ALA A 37 1.89 -24.29 21.10
C ALA A 37 0.47 -24.72 20.77
N ALA A 38 -0.39 -24.73 21.79
CA ALA A 38 -1.81 -25.06 21.63
C ALA A 38 -2.69 -24.36 22.66
N LEU A 39 -3.96 -24.15 22.30
CA LEU A 39 -4.92 -23.51 23.19
C LEU A 39 -6.35 -24.00 22.92
N ASP A 40 -7.18 -23.98 23.97
CA ASP A 40 -8.59 -24.36 23.84
C ASP A 40 -9.50 -23.27 24.41
N TYR A 41 -9.93 -22.36 23.53
CA TYR A 41 -10.80 -21.26 23.93
C TYR A 41 -11.78 -20.92 22.80
N PRO A 42 -13.07 -20.66 23.14
CA PRO A 42 -14.08 -20.36 22.14
C PRO A 42 -13.94 -18.94 21.59
N GLY A 43 -13.69 -18.85 20.28
CA GLY A 43 -13.50 -17.57 19.62
C GLY A 43 -12.07 -17.37 19.16
N VAL A 44 -11.13 -17.98 19.86
CA VAL A 44 -9.72 -17.85 19.55
C VAL A 44 -9.19 -19.08 18.81
N ARG A 45 -8.46 -18.85 17.73
CA ARG A 45 -7.81 -19.92 16.97
C ARG A 45 -6.31 -19.68 16.90
N LEU A 46 -5.53 -20.75 17.04
CA LEU A 46 -4.08 -20.69 16.86
C LEU A 46 -3.75 -20.90 15.39
N VAL A 47 -3.38 -19.80 14.74
CA VAL A 47 -3.11 -19.80 13.30
C VAL A 47 -1.82 -20.55 12.99
N SER A 48 -0.72 -20.11 13.60
CA SER A 48 0.60 -20.68 13.36
C SER A 48 1.62 -20.22 14.40
N THR A 49 2.73 -20.94 14.45
CA THR A 49 3.87 -20.54 15.26
C THR A 49 5.08 -20.32 14.36
N THR A 50 5.85 -19.29 14.67
CA THR A 50 7.05 -18.96 13.93
C THR A 50 8.25 -18.95 14.87
N ARG A 51 9.22 -19.82 14.59
CA ARG A 51 10.44 -19.88 15.38
C ARG A 51 11.65 -19.41 14.58
N VAL A 52 12.63 -18.87 15.30
CA VAL A 52 13.82 -18.26 14.69
C VAL A 52 15.08 -19.00 15.13
N PRO A 53 16.24 -18.73 14.47
CA PRO A 53 17.51 -19.37 14.85
C PRO A 53 17.83 -19.26 16.35
N ASN A 54 17.38 -18.19 17.00
CA ASN A 54 17.50 -18.06 18.45
C ASN A 54 16.39 -18.83 19.16
N ALA A 55 16.78 -19.93 19.82
CA ALA A 55 15.85 -20.86 20.46
C ALA A 55 15.05 -20.23 21.60
N ASN A 56 15.55 -19.12 22.13
CA ASN A 56 14.94 -18.46 23.28
C ASN A 56 13.68 -17.64 22.97
N TYR A 57 13.22 -17.68 21.73
CA TYR A 57 12.04 -16.94 21.31
C TYR A 57 11.07 -17.77 20.49
N LEU A 58 9.78 -17.55 20.73
CA LEU A 58 8.72 -18.11 19.92
C LEU A 58 7.69 -17.04 19.57
N PHE A 59 7.27 -17.02 18.32
CA PHE A 59 6.20 -16.13 17.87
C PHE A 59 4.93 -16.94 17.62
N VAL A 60 3.86 -16.58 18.33
CA VAL A 60 2.60 -17.31 18.27
C VAL A 60 1.51 -16.45 17.66
N ASP A 61 0.92 -16.93 16.57
CA ASP A 61 -0.11 -16.18 15.85
C ASP A 61 -1.54 -16.63 16.19
N LEU A 62 -2.29 -15.70 16.76
CA LEU A 62 -3.67 -15.95 17.17
C LEU A 62 -4.65 -15.15 16.31
N GLU A 63 -5.81 -15.73 16.08
CA GLU A 63 -6.93 -15.03 15.46
C GLU A 63 -8.05 -14.96 16.48
N ILE A 64 -8.32 -13.74 16.97
CA ILE A 64 -9.35 -13.52 17.98
C ILE A 64 -10.63 -12.99 17.33
N GLY A 65 -11.58 -13.91 17.11
CA GLY A 65 -12.82 -13.60 16.42
C GLY A 65 -13.75 -12.72 17.23
N PRO A 66 -14.76 -12.11 16.57
CA PRO A 66 -15.73 -11.23 17.22
C PRO A 66 -16.59 -11.95 18.27
N GLU A 67 -16.73 -13.25 18.11
CA GLU A 67 -17.49 -14.09 19.03
C GLU A 67 -16.76 -14.33 20.37
N ALA A 68 -15.44 -14.11 20.37
CA ALA A 68 -14.60 -14.35 21.55
C ALA A 68 -15.00 -13.47 22.73
N GLN A 69 -15.12 -14.09 23.89
CA GLN A 69 -15.57 -13.41 25.11
C GLN A 69 -14.38 -13.02 25.98
N PRO A 70 -14.53 -11.95 26.80
CA PRO A 70 -13.55 -11.66 27.84
C PRO A 70 -13.36 -12.85 28.77
N GLY A 71 -12.10 -13.17 29.07
CA GLY A 71 -11.77 -14.31 29.92
C GLY A 71 -10.35 -14.80 29.70
N SER A 72 -9.96 -15.81 30.48
CA SER A 72 -8.61 -16.34 30.41
C SER A 72 -8.57 -17.79 29.94
N PHE A 73 -7.39 -18.21 29.48
CA PHE A 73 -7.14 -19.58 29.05
C PHE A 73 -5.65 -19.88 29.09
N ASP A 74 -5.31 -21.15 29.23
CA ASP A 74 -3.92 -21.59 29.24
C ASP A 74 -3.42 -21.81 27.82
N ILE A 75 -2.22 -21.28 27.54
CA ILE A 75 -1.48 -21.66 26.34
C ILE A 75 -0.47 -22.72 26.74
N VAL A 76 -0.62 -23.90 26.16
CA VAL A 76 0.23 -25.04 26.49
C VAL A 76 1.32 -25.25 25.45
N PHE A 77 2.56 -25.33 25.92
CA PHE A 77 3.72 -25.55 25.06
C PHE A 77 4.27 -26.97 25.24
N LYS A 78 4.16 -27.77 24.20
CA LYS A 78 4.70 -29.14 24.18
C LYS A 78 5.93 -29.23 23.30
N GLY A 79 6.89 -30.06 23.70
CA GLY A 79 8.13 -30.26 22.96
C GLY A 79 9.33 -30.36 23.87
N ASP A 80 10.49 -30.72 23.31
CA ASP A 80 11.75 -30.82 24.05
C ASP A 80 11.66 -31.81 25.25
N GLY A 81 10.59 -32.61 25.26
CA GLY A 81 10.28 -33.48 26.40
C GLY A 81 9.83 -32.69 27.61
N ARG A 82 9.25 -31.51 27.37
CA ARG A 82 8.82 -30.61 28.43
C ARG A 82 7.37 -30.15 28.22
N SER A 83 6.82 -29.48 29.22
CA SER A 83 5.47 -28.90 29.14
C SER A 83 5.37 -27.62 29.95
N GLU A 84 4.71 -26.62 29.37
CA GLU A 84 4.55 -25.31 30.01
C GLU A 84 3.14 -24.74 29.88
N ARG A 85 2.68 -24.10 30.95
CA ARG A 85 1.38 -23.45 30.98
C ARG A 85 1.55 -21.95 31.15
N TYR A 86 0.80 -21.17 30.37
CA TYR A 86 0.71 -19.72 30.58
C TYR A 86 -0.71 -19.22 30.41
N ARG A 87 -1.23 -18.61 31.46
CA ARG A 87 -2.59 -18.08 31.47
C ARG A 87 -2.65 -16.75 30.73
N TYR A 88 -3.32 -16.74 29.58
CA TYR A 88 -3.47 -15.53 28.80
C TYR A 88 -4.87 -14.93 28.93
N ARG A 89 -4.92 -13.63 29.17
CA ARG A 89 -6.17 -12.95 29.50
C ARG A 89 -6.66 -12.08 28.35
N LEU A 90 -7.91 -12.27 27.98
CA LEU A 90 -8.59 -11.36 27.06
C LEU A 90 -9.53 -10.49 27.87
N LEU A 91 -9.33 -9.18 27.77
CA LEU A 91 -10.07 -8.21 28.58
C LEU A 91 -11.26 -7.65 27.83
N ALA A 92 -12.26 -7.20 28.60
CA ALA A 92 -13.40 -6.47 28.05
C ALA A 92 -13.00 -5.01 27.86
N ARG A 93 -13.38 -4.45 26.71
CA ARG A 93 -13.08 -3.05 26.41
C ARG A 93 -14.06 -2.12 27.11
N GLU A 94 -13.61 -0.88 27.36
CA GLU A 94 -14.45 0.15 27.95
C GLU A 94 -15.52 0.63 26.97
N GLN A 95 -16.65 1.08 27.50
CA GLN A 95 -17.74 1.62 26.68
C GLN A 95 -17.25 2.80 25.83
N GLY A 96 -17.34 2.64 24.52
CA GLY A 96 -16.88 3.65 23.56
C GLY A 96 -15.37 3.80 23.49
N SER A 97 -14.66 2.67 23.59
CA SER A 97 -13.20 2.67 23.53
C SER A 97 -12.66 2.99 22.15
N ALA A 98 -13.23 2.36 21.12
CA ALA A 98 -12.79 2.55 19.74
C ALA A 98 -13.09 3.96 19.22
N GLN A 99 -14.25 4.50 19.61
CA GLN A 99 -14.67 5.82 19.13
C GLN A 99 -14.21 6.98 20.02
N ARG A 100 -13.22 6.71 20.87
CA ARG A 100 -12.71 7.71 21.82
C ARG A 100 -12.27 9.00 21.14
N GLN A 101 -12.52 10.12 21.81
CA GLN A 101 -12.20 11.44 21.27
C GLN A 101 -10.72 11.78 21.43
N GLY A 102 -10.01 11.85 20.31
CA GLY A 102 -8.62 12.28 20.29
C GLY A 102 -8.49 13.75 20.60
N PHE A 103 -7.27 14.22 20.84
CA PHE A 103 -7.03 15.64 21.07
C PHE A 103 -7.24 16.43 19.78
N GLY A 104 -7.89 17.58 19.89
CA GLY A 104 -8.24 18.39 18.72
C GLY A 104 -7.98 19.86 18.90
N PRO A 105 -8.39 20.68 17.90
CA PRO A 105 -8.23 22.14 17.92
C PRO A 105 -8.79 22.78 19.19
N GLY A 106 -9.85 22.17 19.75
CA GLY A 106 -10.44 22.64 20.99
C GLY A 106 -9.53 22.48 22.20
N ASP A 107 -8.75 21.40 22.19
CA ASP A 107 -7.85 21.08 23.30
C ASP A 107 -6.67 22.03 23.41
N ALA A 108 -6.04 22.02 24.58
CA ALA A 108 -4.78 22.70 24.82
C ALA A 108 -3.85 21.74 25.56
N ILE A 109 -2.60 21.65 25.12
CA ILE A 109 -1.69 20.64 25.64
C ILE A 109 -0.64 21.22 26.58
N TYR A 110 -0.46 20.56 27.72
CA TYR A 110 0.57 20.90 28.67
C TYR A 110 1.65 19.83 28.62
N GLN A 111 2.88 20.23 28.29
CA GLN A 111 3.99 19.28 28.20
C GLN A 111 4.87 19.30 29.43
N ILE A 112 5.10 18.13 30.00
CA ILE A 112 5.99 17.97 31.14
C ILE A 112 7.06 16.92 30.85
N MET A 113 8.19 17.04 31.55
CA MET A 113 9.13 15.95 31.65
C MET A 113 8.93 15.36 33.04
N PRO A 114 8.36 14.15 33.11
CA PRO A 114 7.93 13.56 34.38
C PRO A 114 8.98 13.66 35.47
N ASP A 115 10.24 13.41 35.10
CA ASP A 115 11.37 13.45 36.02
C ASP A 115 11.70 14.86 36.50
N ARG A 116 11.40 15.86 35.67
CA ARG A 116 11.75 17.25 35.96
C ARG A 116 10.57 18.10 36.43
N PHE A 117 9.42 17.45 36.66
CA PHE A 117 8.18 18.15 36.98
C PHE A 117 7.88 18.23 38.49
N ALA A 118 7.62 17.07 39.10
CA ALA A 118 7.29 17.01 40.54
C ALA A 118 7.66 15.67 41.19
N ASN A 119 8.38 15.74 42.31
CA ASN A 119 8.79 14.57 43.08
C ASN A 119 7.80 14.27 44.20
N GLY A 120 6.73 13.55 43.86
CA GLY A 120 5.69 13.21 44.83
C GLY A 120 6.10 12.11 45.80
N ASP A 121 7.13 11.35 45.41
CA ASP A 121 7.61 10.23 46.20
C ASP A 121 9.13 10.12 46.09
N PRO A 122 9.87 10.64 47.09
CA PRO A 122 11.33 10.56 47.10
C PRO A 122 11.88 9.13 47.23
N SER A 123 11.05 8.19 47.70
CA SER A 123 11.50 6.82 47.94
C SER A 123 11.65 6.00 46.65
N ASN A 124 11.15 6.53 45.54
CA ASN A 124 11.38 5.91 44.23
C ASN A 124 12.37 6.65 43.33
N ASP A 125 13.13 7.58 43.93
CA ASP A 125 14.23 8.27 43.25
C ASP A 125 15.32 7.26 42.87
N ASN A 126 15.57 6.32 43.77
CA ASN A 126 16.40 5.16 43.48
C ASN A 126 15.57 3.90 43.68
N VAL A 127 15.73 2.94 42.77
CA VAL A 127 15.08 1.64 42.87
C VAL A 127 16.17 0.58 42.76
N ALA A 128 16.21 -0.35 43.73
CA ALA A 128 17.19 -1.44 43.75
C ALA A 128 17.16 -2.20 42.43
N GLY A 129 18.34 -2.38 41.84
CA GLY A 129 18.46 -3.07 40.55
C GLY A 129 18.78 -2.12 39.41
N MET A 130 18.02 -1.03 39.32
CA MET A 130 18.22 0.00 38.30
C MET A 130 19.63 0.56 38.34
N ARG A 131 20.24 0.73 37.16
CA ARG A 131 21.64 1.12 37.04
C ARG A 131 21.96 2.52 37.57
N GLU A 132 21.35 3.55 36.95
CA GLU A 132 21.67 4.93 37.25
C GLU A 132 21.11 5.40 38.60
N GLN A 133 22.00 5.93 39.42
CA GLN A 133 21.61 6.50 40.70
C GLN A 133 21.14 7.94 40.50
N ALA A 134 20.13 8.33 41.28
CA ALA A 134 19.53 9.66 41.16
C ALA A 134 20.44 10.75 41.71
N ASP A 135 20.58 11.83 40.95
CA ASP A 135 21.33 13.01 41.38
C ASP A 135 20.65 14.27 40.87
N ARG A 136 20.06 15.03 41.79
CA ARG A 136 19.30 16.23 41.44
C ARG A 136 20.22 17.38 41.02
N ARG A 137 21.48 17.28 41.39
CA ARG A 137 22.47 18.34 41.13
C ARG A 137 23.03 18.28 39.71
N HIS A 138 22.85 17.13 39.05
CA HIS A 138 23.39 16.92 37.71
C HIS A 138 22.34 17.16 36.62
N GLY A 139 22.66 18.08 35.70
CA GLY A 139 21.76 18.44 34.60
C GLY A 139 21.27 17.28 33.74
N GLY A 140 22.02 16.19 33.73
CA GLY A 140 21.64 14.99 33.00
C GLY A 140 21.32 13.82 33.91
N GLY A 141 21.24 14.08 35.21
CA GLY A 141 20.94 13.04 36.19
C GLY A 141 19.45 12.86 36.39
N ARG A 142 19.10 11.86 37.20
CA ARG A 142 17.71 11.68 37.62
C ARG A 142 17.44 12.59 38.81
N HIS A 143 16.42 13.43 38.66
CA HIS A 143 16.11 14.45 39.64
C HIS A 143 15.01 14.01 40.61
N GLY A 144 14.30 12.94 40.25
CA GLY A 144 13.36 12.29 41.16
C GLY A 144 11.89 12.48 40.85
N GLY A 145 11.57 13.20 39.77
CA GLY A 145 10.18 13.44 39.41
C GLY A 145 9.47 12.14 39.08
N ASP A 146 8.19 12.06 39.42
CA ASP A 146 7.43 10.81 39.28
C ASP A 146 5.95 11.01 39.01
N ILE A 147 5.25 9.90 38.76
CA ILE A 147 3.82 9.90 38.48
C ILE A 147 3.04 10.47 39.67
N ARG A 148 3.41 10.09 40.88
CA ARG A 148 2.79 10.63 42.09
C ARG A 148 2.80 12.16 42.08
N GLY A 149 3.95 12.74 41.77
CA GLY A 149 4.11 14.19 41.69
C GLY A 149 3.24 14.83 40.64
N THR A 150 3.15 14.20 39.48
CA THR A 150 2.30 14.69 38.40
C THR A 150 0.83 14.63 38.78
N ILE A 151 0.42 13.53 39.41
CA ILE A 151 -0.96 13.37 39.86
C ILE A 151 -1.33 14.44 40.91
N ASP A 152 -0.43 14.67 41.85
CA ASP A 152 -0.64 15.63 42.94
C ASP A 152 -0.99 17.04 42.48
N HIS A 153 -0.53 17.41 41.28
CA HIS A 153 -0.70 18.76 40.77
C HIS A 153 -1.45 18.84 39.44
N LEU A 154 -2.29 17.83 39.16
CA LEU A 154 -3.15 17.83 37.99
C LEU A 154 -4.15 18.98 38.01
N ASP A 155 -4.46 19.45 39.22
CA ASP A 155 -5.37 20.58 39.41
C ASP A 155 -4.74 21.88 38.95
N TYR A 156 -3.44 22.03 39.18
CA TYR A 156 -2.68 23.17 38.66
C TYR A 156 -2.77 23.24 37.14
N ILE A 157 -2.62 22.08 36.50
CA ILE A 157 -2.62 21.96 35.05
C ILE A 157 -4.00 22.23 34.46
N ALA A 158 -5.03 21.59 35.02
CA ALA A 158 -6.41 21.81 34.59
C ALA A 158 -6.86 23.24 34.91
N GLY A 159 -6.38 23.78 36.03
CA GLY A 159 -6.65 25.14 36.45
C GLY A 159 -6.03 26.20 35.55
N LEU A 160 -4.92 25.84 34.92
CA LEU A 160 -4.26 26.72 33.94
C LEU A 160 -5.08 26.87 32.66
N GLY A 161 -5.90 25.87 32.36
CA GLY A 161 -6.77 25.91 31.19
C GLY A 161 -6.45 24.84 30.15
N PHE A 162 -5.59 23.90 30.52
CA PHE A 162 -5.18 22.84 29.61
C PHE A 162 -6.03 21.60 29.73
N THR A 163 -6.26 20.95 28.59
CA THR A 163 -7.18 19.83 28.49
C THR A 163 -6.48 18.55 28.08
N GLN A 164 -5.16 18.61 27.91
CA GLN A 164 -4.35 17.45 27.56
C GLN A 164 -3.02 17.51 28.31
N LEU A 165 -2.50 16.34 28.65
CA LEU A 165 -1.20 16.23 29.29
C LEU A 165 -0.30 15.31 28.46
N TRP A 166 0.78 15.89 27.94
CA TRP A 166 1.80 15.10 27.26
C TRP A 166 3.10 15.08 28.07
N PRO A 167 3.31 14.01 28.85
CA PRO A 167 4.61 13.78 29.42
C PRO A 167 5.55 13.07 28.44
N THR A 168 6.83 13.41 28.48
CA THR A 168 7.86 12.67 27.73
C THR A 168 7.89 11.23 28.25
N PRO A 169 8.55 10.30 27.53
CA PRO A 169 8.30 8.88 27.82
C PRO A 169 8.56 8.47 29.27
N LEU A 170 7.71 7.58 29.78
CA LEU A 170 7.79 7.08 31.14
C LEU A 170 8.19 5.61 31.15
N VAL A 171 8.25 5.04 29.95
CA VAL A 171 8.70 3.67 29.73
C VAL A 171 10.10 3.49 30.33
N GLU A 172 10.36 2.29 30.85
CA GLU A 172 11.63 1.99 31.51
C GLU A 172 12.84 2.37 30.66
N ASN A 173 13.71 3.20 31.23
CA ASN A 173 15.00 3.55 30.65
C ASN A 173 16.12 3.18 31.63
N ASP A 174 16.48 1.90 31.65
CA ASP A 174 17.48 1.41 32.60
C ASP A 174 18.91 1.58 32.09
N ALA A 175 19.24 2.81 31.70
CA ALA A 175 20.58 3.16 31.23
C ALA A 175 21.51 3.47 32.39
N ALA A 176 22.81 3.38 32.13
CA ALA A 176 23.82 3.77 33.09
C ALA A 176 23.93 5.29 33.12
N ALA A 177 23.66 5.92 31.99
CA ALA A 177 23.73 7.38 31.87
C ALA A 177 22.58 7.96 31.05
N TYR A 178 22.14 9.16 31.46
CA TYR A 178 21.04 9.92 30.82
C TYR A 178 19.75 9.12 30.67
N SER A 179 19.26 8.55 31.77
CA SER A 179 18.04 7.75 31.73
C SER A 179 16.77 8.58 31.96
N TYR A 180 16.94 9.81 32.44
CA TYR A 180 15.80 10.67 32.78
C TYR A 180 14.90 11.02 31.60
N HIS A 181 15.48 11.13 30.40
CA HIS A 181 14.76 11.63 29.23
C HIS A 181 13.67 10.69 28.66
N GLY A 182 13.84 9.38 28.83
CA GLY A 182 12.81 8.42 28.48
C GLY A 182 12.83 7.87 27.06
N TYR A 183 13.68 8.43 26.21
CA TYR A 183 13.72 8.09 24.79
C TYR A 183 14.61 6.90 24.43
N ALA A 184 15.17 6.22 25.43
CA ALA A 184 15.96 5.01 25.18
C ALA A 184 15.34 3.85 25.96
N ALA A 185 14.23 3.34 25.45
CA ALA A 185 13.45 2.28 26.10
C ALA A 185 14.28 1.02 26.32
N THR A 186 14.15 0.45 27.52
CA THR A 186 14.80 -0.82 27.84
C THR A 186 13.76 -1.91 28.13
N ASP A 187 12.52 -1.48 28.35
CA ASP A 187 11.37 -2.38 28.46
C ASP A 187 10.12 -1.64 27.99
N HIS A 188 9.56 -2.10 26.87
CA HIS A 188 8.42 -1.44 26.21
C HIS A 188 7.09 -1.59 26.93
N TYR A 189 7.03 -2.51 27.90
CA TYR A 189 5.77 -2.81 28.58
C TYR A 189 5.80 -2.50 30.08
N ARG A 190 6.76 -1.69 30.51
CA ARG A 190 6.88 -1.35 31.92
C ARG A 190 7.18 0.12 32.09
N ILE A 191 6.36 0.78 32.92
CA ILE A 191 6.67 2.12 33.39
C ILE A 191 7.94 1.98 34.23
N ASP A 192 8.89 2.88 34.01
CA ASP A 192 10.11 2.91 34.81
C ASP A 192 9.74 2.97 36.28
N PRO A 193 10.24 2.02 37.09
CA PRO A 193 9.88 1.97 38.52
C PRO A 193 10.24 3.24 39.28
N ARG A 194 11.15 4.05 38.73
CA ARG A 194 11.47 5.36 39.30
C ARG A 194 10.31 6.36 39.19
N TYR A 195 9.39 6.10 38.25
CA TYR A 195 8.18 6.91 38.10
C TYR A 195 6.99 6.28 38.82
N GLY A 196 6.98 4.96 38.88
CA GLY A 196 5.88 4.22 39.48
C GLY A 196 5.65 2.90 38.76
N SER A 197 4.46 2.34 38.96
CA SER A 197 4.10 1.08 38.32
C SER A 197 3.24 1.35 37.08
N ASN A 198 2.87 0.26 36.38
CA ASN A 198 1.95 0.36 35.26
C ASN A 198 0.58 0.84 35.72
N GLU A 199 0.13 0.33 36.86
CA GLU A 199 -1.14 0.70 37.47
C GLU A 199 -1.17 2.18 37.83
N ASP A 200 -0.01 2.72 38.21
CA ASP A 200 0.12 4.14 38.53
C ASP A 200 -0.09 5.03 37.29
N PHE A 201 0.34 4.53 36.13
CA PHE A 201 0.16 5.24 34.87
C PHE A 201 -1.30 5.29 34.43
N VAL A 202 -2.02 4.18 34.66
CA VAL A 202 -3.45 4.12 34.40
C VAL A 202 -4.19 5.13 35.30
N ARG A 203 -3.77 5.19 36.56
CA ARG A 203 -4.37 6.09 37.54
C ARG A 203 -4.11 7.55 37.17
N LEU A 204 -2.94 7.82 36.59
CA LEU A 204 -2.63 9.14 36.05
C LEU A 204 -3.66 9.54 34.98
N SER A 205 -3.95 8.61 34.07
CA SER A 205 -4.91 8.83 33.00
C SER A 205 -6.33 9.04 33.50
N THR A 206 -6.73 8.25 34.50
CA THR A 206 -8.10 8.29 35.02
C THR A 206 -8.35 9.52 35.91
N GLU A 207 -7.36 9.88 36.71
CA GLU A 207 -7.47 11.07 37.57
C GLU A 207 -7.45 12.35 36.73
N ALA A 208 -6.73 12.33 35.62
CA ALA A 208 -6.72 13.44 34.68
C ALA A 208 -8.06 13.53 33.95
N ARG A 209 -8.63 12.36 33.62
CA ARG A 209 -9.92 12.28 32.94
C ARG A 209 -11.04 12.89 33.78
N LYS A 210 -10.95 12.68 35.10
CA LYS A 210 -11.88 13.28 36.07
C LYS A 210 -11.77 14.80 36.03
N ARG A 211 -10.55 15.30 35.91
CA ARG A 211 -10.29 16.73 35.80
C ARG A 211 -10.61 17.29 34.41
N GLY A 212 -11.09 16.43 33.51
CA GLY A 212 -11.42 16.82 32.14
C GLY A 212 -10.21 16.98 31.26
N MET A 213 -9.25 16.06 31.39
CA MET A 213 -8.00 16.07 30.63
C MET A 213 -7.71 14.71 30.00
N GLY A 214 -7.16 14.74 28.79
CA GLY A 214 -6.71 13.52 28.13
C GLY A 214 -5.24 13.26 28.40
N LEU A 215 -4.79 12.05 28.10
CA LEU A 215 -3.38 11.70 28.26
C LEU A 215 -2.74 11.34 26.93
N ILE A 216 -1.64 12.03 26.62
CA ILE A 216 -0.91 11.82 25.38
C ILE A 216 0.46 11.21 25.71
N GLN A 217 0.67 9.98 25.23
CA GLN A 217 1.92 9.29 25.47
C GLN A 217 2.96 9.62 24.39
N ASP A 218 4.16 9.96 24.84
CA ASP A 218 5.31 10.09 23.96
C ASP A 218 5.82 8.69 23.69
N VAL A 219 5.82 8.30 22.41
CA VAL A 219 6.27 6.98 22.00
C VAL A 219 7.45 7.04 21.02
N VAL A 220 8.37 6.09 21.16
CA VAL A 220 9.51 5.97 20.27
C VAL A 220 9.39 4.68 19.48
N LEU A 221 9.40 4.80 18.16
CA LEU A 221 9.27 3.63 17.28
C LEU A 221 10.59 3.27 16.63
N SER A 222 11.44 4.28 16.41
CA SER A 222 12.66 4.12 15.63
C SER A 222 13.79 3.38 16.36
N HIS A 223 13.89 3.58 17.67
CA HIS A 223 15.03 3.05 18.42
C HIS A 223 14.72 2.64 19.86
N ILE A 224 15.70 1.99 20.48
CA ILE A 224 15.63 1.53 21.87
C ILE A 224 16.87 1.97 22.64
N GLY A 225 17.03 1.46 23.86
CA GLY A 225 18.24 1.69 24.65
C GLY A 225 19.19 0.50 24.54
N LYS A 226 20.49 0.74 24.65
CA LYS A 226 21.50 -0.32 24.54
C LYS A 226 21.42 -1.35 25.68
N HIS A 227 20.68 -1.01 26.74
CA HIS A 227 20.50 -1.92 27.87
C HIS A 227 19.10 -2.55 27.89
N HIS A 228 18.41 -2.47 26.77
CA HIS A 228 17.18 -3.21 26.57
C HIS A 228 17.53 -4.70 26.67
N TRP A 229 16.68 -5.46 27.34
CA TRP A 229 16.94 -6.88 27.56
C TRP A 229 17.04 -7.68 26.26
N TRP A 230 16.64 -7.08 25.15
CA TRP A 230 16.83 -7.65 23.82
C TRP A 230 18.31 -7.74 23.43
N MET A 231 19.09 -6.76 23.85
CA MET A 231 20.49 -6.65 23.42
C MET A 231 21.39 -7.75 23.96
N LYS A 232 21.00 -8.34 25.08
CA LYS A 232 21.75 -9.45 25.66
C LYS A 232 21.27 -10.81 25.13
N ASP A 233 20.21 -10.78 24.34
CA ASP A 233 19.63 -12.00 23.76
C ASP A 233 18.78 -11.64 22.54
N LEU A 234 19.45 -11.21 21.47
CA LEU A 234 18.79 -10.74 20.25
C LEU A 234 17.94 -11.83 19.59
N PRO A 235 16.63 -11.57 19.42
CA PRO A 235 15.68 -12.50 18.80
C PRO A 235 16.10 -12.91 17.39
N THR A 236 16.48 -11.94 16.56
CA THR A 236 16.98 -12.22 15.22
C THR A 236 18.25 -11.40 15.00
N PRO A 237 19.14 -11.87 14.10
CA PRO A 237 20.33 -11.10 13.73
C PRO A 237 20.01 -9.77 13.07
N ASP A 238 18.84 -9.68 12.44
CA ASP A 238 18.41 -8.45 11.76
C ASP A 238 17.32 -7.69 12.53
N TRP A 239 17.29 -7.88 13.86
CA TRP A 239 16.33 -7.21 14.73
C TRP A 239 16.67 -5.72 14.88
N ILE A 240 17.96 -5.43 15.00
CA ILE A 240 18.46 -4.05 14.95
C ILE A 240 19.26 -3.87 13.66
N ASN A 241 19.42 -2.63 13.22
CA ASN A 241 20.16 -2.33 12.00
C ASN A 241 21.66 -2.23 12.22
N TYR A 242 22.42 -2.71 11.23
CA TYR A 242 23.89 -2.62 11.20
C TYR A 242 24.61 -3.40 12.31
N GLY A 243 24.15 -4.62 12.56
CA GLY A 243 24.75 -5.52 13.55
C GLY A 243 25.47 -4.84 14.71
N GLY A 244 26.77 -5.09 14.81
CA GLY A 244 27.59 -4.62 15.94
C GLY A 244 28.42 -3.38 15.65
N LYS A 245 28.80 -3.18 14.40
CA LYS A 245 29.57 -2.00 13.99
C LYS A 245 28.70 -0.73 13.99
N PHE A 246 29.21 0.34 14.57
CA PHE A 246 28.45 1.59 14.75
C PHE A 246 28.32 2.39 13.45
N VAL A 247 27.12 2.40 12.89
CA VAL A 247 26.81 3.21 11.71
C VAL A 247 25.82 4.33 12.08
N PRO A 248 26.35 5.52 12.41
CA PRO A 248 25.51 6.65 12.81
C PRO A 248 24.77 7.25 11.62
N THR A 249 23.58 7.79 11.88
CA THR A 249 22.84 8.53 10.86
C THR A 249 23.39 9.95 10.73
N GLN A 250 23.27 10.51 9.52
CA GLN A 250 23.75 11.87 9.27
C GLN A 250 22.57 12.84 9.06
N HIS A 251 21.38 12.38 9.42
CA HIS A 251 20.14 13.20 9.47
C HIS A 251 19.74 13.87 8.14
N HIS A 252 19.76 13.11 7.04
CA HIS A 252 19.38 13.66 5.75
C HIS A 252 17.90 13.36 5.45
N ARG A 253 17.03 14.06 6.17
CA ARG A 253 15.60 13.73 6.22
C ARG A 253 14.86 13.80 4.89
N VAL A 254 15.33 14.65 3.98
CA VAL A 254 14.66 14.85 2.70
C VAL A 254 14.86 13.68 1.72
N ALA A 255 15.78 12.78 2.05
CA ALA A 255 16.12 11.63 1.20
C ALA A 255 14.97 10.65 0.95
N VAL A 256 13.98 10.65 1.84
CA VAL A 256 12.78 9.81 1.67
C VAL A 256 11.71 10.50 0.82
N GLN A 257 12.00 11.74 0.42
CA GLN A 257 11.07 12.56 -0.36
C GLN A 257 11.86 13.48 -1.31
N ASP A 258 12.84 12.91 -1.98
CA ASP A 258 13.73 13.65 -2.88
C ASP A 258 13.90 12.87 -4.17
N PRO A 259 13.53 13.48 -5.32
CA PRO A 259 13.74 12.83 -6.62
C PRO A 259 15.22 12.57 -6.94
N TYR A 260 16.12 13.38 -6.39
CA TYR A 260 17.55 13.24 -6.64
C TYR A 260 18.29 12.47 -5.55
N ALA A 261 17.52 11.86 -4.64
CA ALA A 261 18.08 11.16 -3.50
C ALA A 261 18.83 9.89 -3.87
N ALA A 262 19.99 9.71 -3.25
CA ALA A 262 20.75 8.48 -3.35
C ALA A 262 20.21 7.49 -2.33
N GLN A 263 20.26 6.20 -2.68
CA GLN A 263 19.84 5.13 -1.77
C GLN A 263 20.63 5.15 -0.46
N ALA A 264 21.91 5.52 -0.56
CA ALA A 264 22.80 5.60 0.61
C ALA A 264 22.28 6.57 1.67
N ASP A 265 21.76 7.72 1.22
CA ASP A 265 21.20 8.73 2.12
C ASP A 265 19.88 8.29 2.73
N SER A 266 19.02 7.70 1.89
CA SER A 266 17.72 7.20 2.30
C SER A 266 17.85 6.10 3.35
N GLU A 267 18.73 5.14 3.09
CA GLU A 267 19.00 4.06 4.02
C GLU A 267 19.65 4.56 5.29
N ASN A 268 20.60 5.49 5.14
CA ASN A 268 21.28 6.11 6.27
C ASN A 268 20.31 6.81 7.22
N PHE A 269 19.27 7.41 6.65
CA PHE A 269 18.28 8.13 7.44
C PHE A 269 17.37 7.19 8.23
N THR A 270 16.88 6.15 7.57
CA THR A 270 15.92 5.23 8.19
C THR A 270 16.57 4.14 9.04
N LYS A 271 17.83 3.83 8.75
CA LYS A 271 18.51 2.71 9.42
C LYS A 271 19.68 3.12 10.32
N GLY A 272 20.14 4.36 10.18
CA GLY A 272 21.26 4.87 10.97
C GLY A 272 20.91 5.15 12.42
N TRP A 273 21.86 4.88 13.31
CA TRP A 273 21.69 5.08 14.75
C TRP A 273 21.86 6.56 15.10
N PHE A 274 21.11 7.03 16.09
CA PHE A 274 21.30 8.39 16.61
C PHE A 274 22.65 8.50 17.30
N VAL A 275 22.82 7.72 18.37
CA VAL A 275 24.09 7.62 19.08
C VAL A 275 24.39 6.16 19.41
N GLU A 276 25.64 5.86 19.75
CA GLU A 276 26.09 4.50 20.05
C GLU A 276 25.21 3.75 21.06
N GLY A 277 24.50 4.49 21.90
CA GLY A 277 23.67 3.92 22.96
C GLY A 277 22.20 3.70 22.63
N MET A 278 21.79 4.11 21.43
CA MET A 278 20.40 3.94 20.97
C MET A 278 20.33 3.06 19.71
N PRO A 279 20.26 1.72 19.90
CA PRO A 279 20.18 0.80 18.77
C PRO A 279 18.95 1.06 17.91
N ASP A 280 19.14 1.08 16.59
CA ASP A 280 18.05 1.35 15.67
C ASP A 280 17.30 0.08 15.31
N LEU A 281 15.99 0.09 15.56
CA LEU A 281 15.14 -1.06 15.25
C LEU A 281 14.94 -1.23 13.75
N ASN A 282 14.87 -2.49 13.31
CA ASN A 282 14.61 -2.81 11.92
C ASN A 282 13.13 -3.13 11.72
N GLN A 283 12.36 -2.15 11.24
CA GLN A 283 10.94 -2.34 11.04
C GLN A 283 10.59 -3.04 9.73
N THR A 284 11.60 -3.30 8.89
CA THR A 284 11.38 -4.11 7.68
C THR A 284 11.24 -5.58 8.05
N ASN A 285 11.74 -5.94 9.23
CA ASN A 285 11.43 -7.23 9.84
C ASN A 285 9.98 -7.20 10.31
N PRO A 286 9.11 -8.06 9.74
CA PRO A 286 7.69 -8.07 10.10
C PRO A 286 7.43 -8.36 11.57
N LEU A 287 8.36 -9.06 12.21
CA LEU A 287 8.26 -9.35 13.65
C LEU A 287 8.39 -8.08 14.50
N VAL A 288 9.32 -7.20 14.11
CA VAL A 288 9.52 -5.91 14.78
C VAL A 288 8.32 -4.99 14.55
N ALA A 289 7.87 -4.90 13.29
CA ALA A 289 6.72 -4.08 12.91
C ALA A 289 5.48 -4.43 13.74
N ASN A 290 5.12 -5.71 13.74
CA ASN A 290 3.99 -6.22 14.51
C ASN A 290 4.10 -5.87 15.99
N TYR A 291 5.29 -6.10 16.56
CA TYR A 291 5.55 -5.81 17.96
C TYR A 291 5.25 -4.36 18.32
N LEU A 292 5.80 -3.43 17.54
CA LEU A 292 5.65 -2.01 17.82
C LEU A 292 4.20 -1.55 17.71
N ILE A 293 3.50 -2.02 16.67
CA ILE A 293 2.10 -1.69 16.45
C ILE A 293 1.26 -2.18 17.63
N GLN A 294 1.47 -3.43 18.01
CA GLN A 294 0.74 -4.06 19.11
C GLN A 294 1.02 -3.38 20.45
N ASN A 295 2.29 -3.06 20.69
CA ASN A 295 2.69 -2.38 21.92
C ASN A 295 1.98 -1.04 22.10
N ASN A 296 1.98 -0.21 21.06
CA ASN A 296 1.40 1.12 21.14
C ASN A 296 -0.13 1.08 21.27
N ILE A 297 -0.76 0.16 20.55
CA ILE A 297 -2.18 -0.10 20.71
C ILE A 297 -2.46 -0.53 22.15
N TRP A 298 -1.66 -1.49 22.64
CA TRP A 298 -1.74 -1.96 24.01
C TRP A 298 -1.82 -0.80 25.01
N TRP A 299 -0.84 0.10 24.93
CA TRP A 299 -0.76 1.27 25.82
C TRP A 299 -1.99 2.18 25.74
N ILE A 300 -2.50 2.40 24.54
CA ILE A 300 -3.69 3.21 24.31
C ILE A 300 -4.90 2.61 25.02
N GLU A 301 -5.19 1.35 24.71
CA GLU A 301 -6.33 0.64 25.29
C GLU A 301 -6.18 0.48 26.80
N TYR A 302 -5.00 0.06 27.25
CA TYR A 302 -4.71 -0.16 28.66
C TYR A 302 -4.85 1.09 29.52
N ALA A 303 -4.24 2.18 29.05
CA ALA A 303 -4.14 3.40 29.84
C ALA A 303 -5.18 4.46 29.49
N GLY A 304 -6.02 4.20 28.49
CA GLY A 304 -7.05 5.16 28.08
C GLY A 304 -6.45 6.47 27.59
N LEU A 305 -5.53 6.36 26.64
CA LEU A 305 -4.86 7.52 26.07
C LEU A 305 -5.75 8.21 25.04
N SER A 306 -5.66 9.54 25.00
CA SER A 306 -6.40 10.34 24.02
C SER A 306 -5.59 10.49 22.73
N GLY A 307 -4.36 9.99 22.75
CA GLY A 307 -3.49 10.05 21.57
C GLY A 307 -2.03 9.83 21.87
N LEU A 308 -1.20 10.01 20.85
CA LEU A 308 0.24 9.81 20.97
C LEU A 308 1.01 10.96 20.37
N ARG A 309 2.21 11.21 20.91
CA ARG A 309 3.20 11.99 20.18
C ARG A 309 4.30 11.02 19.74
N ILE A 310 4.54 11.00 18.43
CA ILE A 310 5.52 10.08 17.89
C ILE A 310 6.87 10.77 17.68
N ASP A 311 7.80 10.41 18.54
CA ASP A 311 9.18 10.90 18.52
C ASP A 311 9.86 10.54 17.20
N THR A 312 10.83 11.37 16.81
CA THR A 312 11.72 11.11 15.68
C THR A 312 11.01 10.39 14.52
N TYR A 313 9.89 10.96 14.10
CA TYR A 313 8.94 10.28 13.22
C TYR A 313 9.57 9.65 11.98
N GLY A 314 10.11 10.50 11.10
CA GLY A 314 10.64 10.06 9.81
C GLY A 314 11.79 9.08 9.84
N TYR A 315 12.39 8.89 11.02
CA TYR A 315 13.54 8.00 11.16
C TYR A 315 13.16 6.52 11.14
N SER A 316 11.87 6.24 11.27
CA SER A 316 11.37 4.88 11.14
C SER A 316 11.12 4.57 9.67
N ASP A 317 11.05 3.28 9.33
CA ASP A 317 10.77 2.84 7.97
C ASP A 317 9.44 3.41 7.47
N GLY A 318 9.49 4.12 6.34
CA GLY A 318 8.31 4.73 5.72
C GLY A 318 7.12 3.80 5.55
N ALA A 319 7.38 2.60 5.03
CA ALA A 319 6.32 1.61 4.82
C ALA A 319 5.73 1.13 6.13
N PHE A 320 6.60 0.90 7.12
CA PHE A 320 6.18 0.55 8.48
C PHE A 320 5.24 1.61 9.03
N LEU A 321 5.66 2.87 8.92
CA LEU A 321 4.89 4.01 9.38
C LEU A 321 3.51 4.07 8.71
N THR A 322 3.47 3.75 7.41
CA THR A 322 2.21 3.64 6.66
C THR A 322 1.28 2.62 7.34
N GLU A 323 1.78 1.41 7.55
CA GLU A 323 1.02 0.34 8.20
C GLU A 323 0.75 0.66 9.68
N TYR A 324 1.74 1.25 10.34
CA TYR A 324 1.60 1.61 11.74
C TYR A 324 0.44 2.57 11.92
N THR A 325 0.48 3.71 11.21
CA THR A 325 -0.58 4.72 11.28
C THR A 325 -1.92 4.19 10.81
N ARG A 326 -1.91 3.28 9.81
CA ARG A 326 -3.13 2.63 9.34
C ARG A 326 -3.77 1.77 10.43
N ARG A 327 -3.00 0.86 11.03
CA ARG A 327 -3.50 -0.06 12.05
C ARG A 327 -4.05 0.69 13.26
N LEU A 328 -3.32 1.70 13.71
CA LEU A 328 -3.71 2.48 14.89
C LEU A 328 -4.96 3.32 14.63
N MET A 329 -5.07 3.89 13.44
CA MET A 329 -6.25 4.68 13.09
C MET A 329 -7.42 3.80 12.72
N ALA A 330 -7.15 2.55 12.34
CA ALA A 330 -8.22 1.57 12.14
C ALA A 330 -8.87 1.23 13.48
N GLU A 331 -8.04 1.08 14.52
CA GLU A 331 -8.54 0.78 15.85
C GLU A 331 -9.25 1.97 16.48
N TYR A 332 -8.68 3.16 16.32
CA TYR A 332 -9.23 4.38 16.92
C TYR A 332 -9.40 5.49 15.88
N PRO A 333 -10.50 5.43 15.09
CA PRO A 333 -10.72 6.33 13.94
C PRO A 333 -10.78 7.82 14.26
N ARG A 334 -11.03 8.16 15.52
CA ARG A 334 -11.16 9.57 15.92
C ARG A 334 -9.96 10.02 16.76
N LEU A 335 -8.99 9.13 16.92
CA LEU A 335 -7.76 9.43 17.65
C LEU A 335 -6.90 10.45 16.91
N ASN A 336 -5.96 11.05 17.64
CA ASN A 336 -5.00 11.94 17.05
C ASN A 336 -3.58 11.50 17.44
N MET A 337 -2.67 11.60 16.48
CA MET A 337 -1.26 11.29 16.71
C MET A 337 -0.41 12.34 16.04
N VAL A 338 0.53 12.90 16.79
CA VAL A 338 1.35 14.00 16.31
C VAL A 338 2.81 13.60 16.14
N GLY A 339 3.22 13.43 14.88
CA GLY A 339 4.60 13.03 14.58
C GLY A 339 5.58 14.17 14.69
N GLN A 340 6.73 13.89 15.32
CA GLN A 340 7.81 14.86 15.35
C GLN A 340 8.69 14.73 14.11
N GLU A 341 8.49 15.64 13.16
CA GLU A 341 9.37 15.76 12.02
C GLU A 341 10.08 17.10 12.09
N TRP A 342 11.31 17.08 12.62
CA TRP A 342 12.08 18.29 12.83
C TRP A 342 12.59 18.89 11.53
N SER A 343 11.78 19.78 10.97
CA SER A 343 12.14 20.54 9.80
C SER A 343 11.38 21.86 9.86
N THR A 344 12.09 22.95 9.55
CA THR A 344 11.49 24.27 9.51
C THR A 344 10.87 24.51 8.13
N ARG A 345 11.03 23.53 7.24
CA ARG A 345 10.46 23.58 5.90
C ARG A 345 9.09 22.93 5.87
N VAL A 346 8.10 23.67 5.35
CA VAL A 346 6.72 23.20 5.25
C VAL A 346 6.57 21.94 4.38
N PRO A 347 7.19 21.90 3.18
CA PRO A 347 6.98 20.76 2.30
C PRO A 347 7.50 19.45 2.89
N VAL A 348 8.59 19.55 3.64
CA VAL A 348 9.24 18.39 4.27
C VAL A 348 8.33 17.79 5.35
N VAL A 349 7.68 18.66 6.13
CA VAL A 349 6.77 18.23 7.17
C VAL A 349 5.47 17.68 6.55
N ALA A 350 4.92 18.43 5.60
CA ALA A 350 3.63 18.13 4.97
C ALA A 350 3.54 16.74 4.34
N ARG A 351 4.68 16.18 3.95
CA ARG A 351 4.76 14.86 3.31
C ARG A 351 4.13 13.76 4.16
N TRP A 352 4.23 13.92 5.48
CA TRP A 352 3.86 12.86 6.41
C TRP A 352 2.38 12.85 6.85
N GLN A 353 1.65 13.93 6.57
CA GLN A 353 0.28 14.05 7.06
C GLN A 353 -0.74 13.20 6.29
N ARG A 354 -1.72 12.69 7.05
CA ARG A 354 -2.83 11.89 6.53
C ARG A 354 -3.52 12.55 5.33
N GLY A 355 -3.53 11.84 4.21
CA GLY A 355 -4.24 12.28 3.00
C GLY A 355 -3.45 13.16 2.05
N LYS A 356 -2.17 13.37 2.36
CA LYS A 356 -1.29 14.17 1.50
C LYS A 356 -0.98 13.44 0.21
N ALA A 357 -1.34 14.06 -0.91
CA ALA A 357 -0.99 13.58 -2.23
C ALA A 357 0.47 13.91 -2.49
N ASN A 358 1.32 12.88 -2.47
CA ASN A 358 2.75 13.06 -2.68
C ASN A 358 3.19 12.67 -4.08
N PHE A 359 4.30 13.25 -4.53
CA PHE A 359 4.86 12.97 -5.86
C PHE A 359 5.25 11.50 -6.05
N ASP A 360 5.70 10.86 -4.97
CA ASP A 360 6.10 9.44 -5.01
C ASP A 360 4.97 8.47 -4.63
N GLY A 361 3.77 9.01 -4.42
CA GLY A 361 2.60 8.21 -4.08
C GLY A 361 2.57 7.67 -2.66
N TYR A 362 3.31 8.32 -1.77
CA TYR A 362 3.36 7.93 -0.36
C TYR A 362 2.07 8.27 0.36
N THR A 363 1.49 7.26 1.01
CA THR A 363 0.28 7.43 1.79
C THR A 363 0.59 7.29 3.28
N SER A 364 -0.18 8.01 4.09
CA SER A 364 0.01 8.02 5.53
C SER A 364 -1.33 8.21 6.21
N HIS A 365 -1.42 7.78 7.46
CA HIS A 365 -2.64 7.97 8.25
C HIS A 365 -2.37 8.79 9.52
N LEU A 366 -1.18 9.38 9.58
CA LEU A 366 -0.80 10.25 10.69
C LEU A 366 -1.57 11.56 10.62
N PRO A 367 -2.49 11.79 11.58
CA PRO A 367 -3.37 12.95 11.51
C PRO A 367 -2.67 14.29 11.77
N SER A 368 -1.59 14.27 12.54
CA SER A 368 -0.94 15.50 12.96
C SER A 368 0.59 15.45 12.99
N LEU A 369 1.20 16.63 12.91
CA LEU A 369 2.64 16.79 12.95
C LEU A 369 3.00 18.05 13.73
N MET A 370 4.23 18.10 14.24
CA MET A 370 4.69 19.26 14.99
C MET A 370 5.06 20.38 14.03
N ASP A 371 4.42 21.53 14.23
CA ASP A 371 4.59 22.67 13.33
C ASP A 371 5.88 23.46 13.63
N PHE A 372 7.01 22.82 13.34
CA PHE A 372 8.32 23.46 13.50
C PHE A 372 8.55 24.68 12.60
N PRO A 373 8.02 24.65 11.36
CA PRO A 373 8.13 25.86 10.53
C PRO A 373 7.54 27.10 11.20
N LEU A 374 6.29 27.00 11.66
CA LEU A 374 5.57 28.15 12.21
C LEU A 374 6.14 28.63 13.55
N VAL A 375 6.66 27.70 14.34
CA VAL A 375 7.32 28.04 15.58
C VAL A 375 8.63 28.77 15.29
N ASP A 376 9.39 28.26 14.34
CA ASP A 376 10.70 28.83 13.98
C ASP A 376 10.56 30.23 13.36
N ALA A 377 9.53 30.40 12.51
CA ALA A 377 9.26 31.69 11.88
C ALA A 377 8.90 32.76 12.92
N MET A 378 8.05 32.39 13.88
CA MET A 378 7.63 33.33 14.93
C MET A 378 8.77 33.62 15.91
N ARG A 379 9.58 32.62 16.22
CA ARG A 379 10.75 32.80 17.08
C ARG A 379 11.81 33.70 16.44
N ASN A 380 12.02 33.52 15.14
CA ASN A 380 12.89 34.41 14.36
C ASN A 380 12.38 35.84 14.40
N ALA A 381 11.07 36.00 14.16
CA ALA A 381 10.43 37.31 14.11
C ALA A 381 10.58 38.12 15.39
N LEU A 382 10.64 37.43 16.53
CA LEU A 382 10.76 38.08 17.83
C LEU A 382 12.21 38.33 18.26
N SER A 383 13.12 37.45 17.84
CA SER A 383 14.54 37.58 18.20
C SER A 383 15.26 38.62 17.35
N LYS A 384 14.80 38.78 16.10
CA LYS A 384 15.43 39.68 15.14
C LYS A 384 15.11 41.15 15.43
N THR A 385 16.05 41.82 16.10
CA THR A 385 15.91 43.21 16.51
C THR A 385 15.96 44.17 15.32
N GLY A 386 17.05 44.12 14.57
CA GLY A 386 17.32 45.07 13.48
C GLY A 386 16.39 44.93 12.29
N GLU A 387 15.79 43.74 12.15
CA GLU A 387 14.92 43.43 11.03
C GLU A 387 13.72 44.38 11.00
N GLU A 388 13.49 44.98 9.83
CA GLU A 388 12.44 45.99 9.66
C GLU A 388 11.04 45.38 9.72
N ASN A 389 10.91 44.18 9.14
CA ASN A 389 9.62 43.50 8.99
C ASN A 389 9.80 41.99 9.17
N GLY A 390 10.12 41.59 10.40
CA GLY A 390 10.44 40.20 10.72
C GLY A 390 9.26 39.25 10.71
N LEU A 391 8.07 39.78 11.00
CA LEU A 391 6.84 38.97 11.02
C LEU A 391 6.43 38.46 9.64
N ASN A 392 6.98 39.07 8.58
CA ASN A 392 6.74 38.62 7.22
C ASN A 392 6.97 37.12 7.06
N GLU A 393 7.91 36.59 7.84
CA GLU A 393 8.27 35.19 7.84
C GLU A 393 7.14 34.31 8.38
N VAL A 394 6.46 34.79 9.42
CA VAL A 394 5.31 34.10 10.01
C VAL A 394 4.16 34.06 9.01
N TYR A 395 3.84 35.24 8.48
CA TYR A 395 2.78 35.42 7.48
C TYR A 395 2.97 34.47 6.29
N GLU A 396 4.14 34.54 5.67
CA GLU A 396 4.44 33.73 4.48
C GLU A 396 4.42 32.22 4.74
N THR A 397 4.86 31.81 5.92
CA THR A 397 4.83 30.39 6.31
C THR A 397 3.39 29.91 6.45
N LEU A 398 2.54 30.75 7.04
CA LEU A 398 1.11 30.46 7.17
C LEU A 398 0.43 30.32 5.82
N SER A 399 0.85 31.14 4.86
CA SER A 399 0.31 31.11 3.51
C SER A 399 0.51 29.75 2.83
N LEU A 400 1.50 29.00 3.32
CA LEU A 400 1.87 27.69 2.75
C LEU A 400 0.99 26.54 3.24
N ASP A 401 0.09 26.82 4.16
CA ASP A 401 -0.81 25.80 4.73
C ASP A 401 -1.57 24.93 3.70
N TYR A 402 -1.75 25.45 2.49
CA TYR A 402 -2.38 24.67 1.41
C TYR A 402 -1.58 23.41 1.08
N LEU A 403 -0.32 23.36 1.51
CA LEU A 403 0.54 22.20 1.30
C LEU A 403 0.17 21.04 2.22
N TYR A 404 -0.37 21.36 3.38
CA TYR A 404 -0.90 20.35 4.30
C TYR A 404 -2.32 19.97 3.90
N PRO A 405 -2.63 18.65 3.91
CA PRO A 405 -4.01 18.19 3.73
C PRO A 405 -4.95 18.63 4.85
N GLU A 406 -4.43 18.72 6.08
CA GLU A 406 -5.16 19.28 7.22
C GLU A 406 -4.25 20.19 8.04
N PRO A 407 -4.04 21.44 7.62
CA PRO A 407 -3.11 22.33 8.30
C PRO A 407 -3.57 22.76 9.69
N GLN A 408 -4.88 22.80 9.89
CA GLN A 408 -5.44 23.33 11.14
C GLN A 408 -5.51 22.25 12.23
N ASN A 409 -4.95 21.09 11.91
CA ASN A 409 -4.86 19.96 12.84
C ASN A 409 -3.42 19.75 13.34
N LEU A 410 -2.50 20.61 12.90
CA LEU A 410 -1.11 20.55 13.33
C LEU A 410 -0.94 21.09 14.74
N VAL A 411 0.09 20.62 15.44
CA VAL A 411 0.36 21.08 16.80
C VAL A 411 1.37 22.23 16.80
N LEU A 412 0.92 23.39 17.25
CA LEU A 412 1.78 24.56 17.45
C LEU A 412 2.16 24.64 18.92
N PHE A 413 3.38 25.09 19.19
CA PHE A 413 3.88 25.11 20.57
C PHE A 413 4.69 26.36 20.91
N GLY A 414 4.62 26.76 22.18
CA GLY A 414 5.45 27.87 22.67
C GLY A 414 6.90 27.43 22.75
N GLY A 415 7.09 26.14 23.02
CA GLY A 415 8.42 25.54 23.05
C GLY A 415 8.34 24.11 23.53
N ASN A 416 9.50 23.47 23.64
CA ASN A 416 9.60 22.12 24.19
C ASN A 416 10.95 21.85 24.84
N HIS A 417 11.15 20.61 25.26
CA HIS A 417 12.36 20.16 25.95
C HIS A 417 13.60 20.14 25.06
N ASP A 418 13.39 20.27 23.74
CA ASP A 418 14.46 20.15 22.76
C ASP A 418 15.00 21.49 22.28
N MET A 419 14.36 22.58 22.69
CA MET A 419 14.75 23.92 22.23
C MET A 419 14.77 24.97 23.35
N ALA A 420 15.43 26.09 23.08
CA ALA A 420 15.57 27.19 24.03
C ALA A 420 14.23 27.58 24.64
N ARG A 421 14.25 27.90 25.93
CA ARG A 421 13.04 28.32 26.63
C ARG A 421 12.32 29.44 25.88
N MET A 422 11.00 29.36 25.86
CA MET A 422 10.14 30.33 25.18
C MET A 422 10.51 31.77 25.53
N PHE A 423 10.66 32.05 26.82
CA PHE A 423 10.96 33.39 27.31
C PHE A 423 12.35 33.87 26.89
N SER A 424 13.32 32.97 26.89
CA SER A 424 14.68 33.29 26.48
C SER A 424 14.76 33.54 24.98
N ALA A 425 13.95 32.79 24.22
CA ALA A 425 13.88 32.93 22.77
C ALA A 425 13.32 34.29 22.36
N ALA A 426 12.55 34.90 23.25
CA ALA A 426 12.01 36.25 23.04
C ALA A 426 12.98 37.35 23.50
N GLY A 427 14.16 36.94 23.96
CA GLY A 427 15.20 37.86 24.41
C GLY A 427 14.93 38.38 25.81
N GLU A 428 14.27 37.54 26.60
CA GLU A 428 13.82 37.87 27.96
C GLU A 428 12.99 39.15 27.99
N ASP A 429 12.07 39.26 27.04
CA ASP A 429 11.20 40.41 26.91
C ASP A 429 9.75 39.97 27.09
N PHE A 430 9.13 40.46 28.17
CA PHE A 430 7.77 40.08 28.54
C PHE A 430 6.75 40.42 27.46
N ASP A 431 6.92 41.60 26.86
CA ASP A 431 6.01 42.10 25.84
C ASP A 431 6.02 41.23 24.57
N ARG A 432 7.21 40.75 24.20
CA ARG A 432 7.38 39.84 23.06
C ARG A 432 6.85 38.46 23.38
N TRP A 433 7.18 37.96 24.57
CA TRP A 433 6.65 36.70 25.07
C TRP A 433 5.13 36.69 25.00
N ARG A 434 4.52 37.83 25.35
CA ARG A 434 3.06 37.99 25.28
C ARG A 434 2.53 37.80 23.86
N MET A 435 3.22 38.40 22.88
CA MET A 435 2.86 38.23 21.46
C MET A 435 2.91 36.76 21.06
N ASN A 436 3.98 36.08 21.48
CA ASN A 436 4.15 34.65 21.23
C ASN A 436 3.01 33.84 21.83
N LEU A 437 2.66 34.15 23.08
CA LEU A 437 1.57 33.46 23.78
C LEU A 437 0.23 33.65 23.08
N VAL A 438 -0.10 34.90 22.75
CA VAL A 438 -1.36 35.21 22.07
C VAL A 438 -1.44 34.51 20.72
N PHE A 439 -0.35 34.57 19.96
CA PHE A 439 -0.20 33.87 18.69
C PHE A 439 -0.54 32.38 18.84
N LEU A 440 0.09 31.75 19.81
CA LEU A 440 -0.13 30.34 20.12
C LEU A 440 -1.59 30.01 20.41
N MET A 441 -2.26 30.88 21.16
CA MET A 441 -3.62 30.62 21.65
C MET A 441 -4.72 31.00 20.66
N THR A 442 -4.36 31.74 19.61
CA THR A 442 -5.36 32.24 18.68
C THR A 442 -5.23 31.67 17.26
N MET A 443 -4.12 31.02 16.97
CA MET A 443 -3.90 30.42 15.65
C MET A 443 -4.75 29.19 15.39
N PRO A 444 -5.13 28.95 14.11
CA PRO A 444 -5.85 27.73 13.72
C PRO A 444 -4.95 26.50 13.80
N ARG A 445 -4.68 26.05 15.03
CA ARG A 445 -3.75 24.96 15.31
C ARG A 445 -4.16 24.32 16.62
N ILE A 446 -3.59 23.15 16.91
CA ILE A 446 -3.68 22.59 18.26
C ILE A 446 -2.53 23.16 19.09
N PRO A 447 -2.84 23.95 20.12
CA PRO A 447 -1.80 24.60 20.92
C PRO A 447 -1.19 23.68 21.98
N GLN A 448 0.14 23.74 22.08
CA GLN A 448 0.89 22.95 23.04
C GLN A 448 1.82 23.87 23.82
N PHE A 449 1.83 23.71 25.13
CA PHE A 449 2.59 24.58 26.01
C PHE A 449 3.55 23.74 26.84
N TYR A 450 4.77 24.25 26.98
CA TYR A 450 5.81 23.56 27.73
C TYR A 450 5.82 24.03 29.18
N SER A 451 5.84 23.08 30.12
CA SER A 451 5.80 23.37 31.55
C SER A 451 6.96 24.26 31.96
N GLY A 452 6.66 25.31 32.70
CA GLY A 452 7.67 26.23 33.19
C GLY A 452 7.68 27.56 32.44
N ASP A 453 7.16 27.53 31.21
CA ASP A 453 7.09 28.74 30.40
C ASP A 453 6.07 29.74 30.94
N GLU A 454 5.14 29.24 31.75
CA GLU A 454 4.12 30.09 32.39
C GLU A 454 4.72 30.97 33.49
N ILE A 455 5.88 30.58 34.01
CA ILE A 455 6.58 31.39 35.01
C ILE A 455 7.94 31.86 34.48
N LEU A 456 8.04 31.94 33.15
CA LEU A 456 9.18 32.53 32.45
C LEU A 456 10.53 31.92 32.81
N MET A 457 10.62 30.59 32.74
CA MET A 457 11.88 29.89 33.00
C MET A 457 12.90 30.21 31.91
N THR A 458 14.17 30.22 32.29
CA THR A 458 15.24 30.67 31.39
C THR A 458 16.16 29.54 30.95
N SER A 459 16.81 29.74 29.80
CA SER A 459 17.82 28.82 29.27
C SER A 459 18.82 29.59 28.39
N THR A 460 19.92 28.94 28.03
CA THR A 460 20.83 29.49 27.01
C THR A 460 20.18 29.38 25.63
N VAL A 461 20.57 30.28 24.73
CA VAL A 461 19.94 30.36 23.41
C VAL A 461 20.78 29.78 22.27
N LYS A 462 22.06 29.54 22.53
CA LYS A 462 22.96 28.95 21.52
C LYS A 462 23.85 27.84 22.07
N GLY A 463 24.41 27.05 21.16
CA GLY A 463 25.17 25.86 21.52
C GLY A 463 24.21 24.73 21.86
N ARG A 464 24.73 23.59 22.29
CA ARG A 464 23.84 22.54 22.80
C ARG A 464 23.88 22.45 24.32
N ASP A 465 22.70 22.58 24.91
CA ASP A 465 22.52 22.69 26.35
C ASP A 465 21.11 22.21 26.67
N ASP A 466 20.84 20.95 26.34
CA ASP A 466 19.54 20.33 26.57
C ASP A 466 19.18 20.36 28.05
N ALA A 467 20.19 20.26 28.91
CA ALA A 467 20.01 20.33 30.36
C ALA A 467 19.32 21.63 30.80
N SER A 468 19.67 22.74 30.15
CA SER A 468 19.10 24.04 30.51
C SER A 468 17.62 24.22 30.13
N TYR A 469 17.16 23.48 29.12
CA TYR A 469 15.77 23.54 28.68
C TYR A 469 14.85 22.73 29.60
N ARG A 470 15.47 21.92 30.46
CA ARG A 470 14.74 20.90 31.24
C ARG A 470 14.98 21.02 32.74
N ARG A 471 15.00 22.25 33.24
CA ARG A 471 15.23 22.47 34.67
C ARG A 471 14.00 22.16 35.52
N ASP A 472 14.23 21.88 36.81
CA ASP A 472 13.18 21.47 37.72
C ASP A 472 12.09 22.52 37.87
N PHE A 473 10.84 22.06 37.85
CA PHE A 473 9.70 22.94 38.03
C PHE A 473 9.64 23.40 39.49
N PRO A 474 9.72 24.73 39.71
CA PRO A 474 9.70 25.29 41.06
C PRO A 474 8.43 24.91 41.82
N GLY A 475 8.62 24.24 42.96
CA GLY A 475 7.50 23.74 43.77
C GLY A 475 7.28 22.25 43.60
N GLY A 476 8.01 21.63 42.67
CA GLY A 476 7.91 20.20 42.42
C GLY A 476 8.57 19.35 43.51
N TRP A 477 9.59 19.93 44.14
CA TRP A 477 10.37 19.22 45.16
C TRP A 477 10.15 19.80 46.56
N ALA A 478 10.19 18.93 47.57
CA ALA A 478 10.10 19.35 48.96
C ALA A 478 11.27 20.26 49.32
N GLY A 479 10.96 21.43 49.86
CA GLY A 479 11.98 22.39 50.27
C GLY A 479 12.43 23.35 49.17
N ASP A 480 11.62 23.47 48.13
CA ASP A 480 11.90 24.39 47.02
C ASP A 480 11.75 25.84 47.46
N LYS A 481 12.75 26.65 47.15
CA LYS A 481 12.71 28.09 47.43
C LYS A 481 11.50 28.68 46.72
N ALA A 482 11.55 28.68 45.38
CA ALA A 482 10.44 29.12 44.56
C ALA A 482 9.39 28.02 44.44
N ASN A 483 8.12 28.41 44.48
CA ASN A 483 7.01 27.47 44.37
C ASN A 483 5.95 27.99 43.41
N ALA A 484 5.96 27.44 42.19
CA ALA A 484 5.07 27.90 41.13
C ALA A 484 3.62 27.40 41.29
N PHE A 485 3.42 26.37 42.10
CA PHE A 485 2.09 25.83 42.34
C PHE A 485 1.25 26.76 43.23
N SER A 486 1.84 27.23 44.33
CA SER A 486 1.15 28.09 45.28
C SER A 486 1.36 29.58 45.00
N GLY A 487 2.43 29.90 44.29
CA GLY A 487 2.76 31.28 43.94
C GLY A 487 3.82 31.90 44.85
N ALA A 488 4.30 31.09 45.80
CA ALA A 488 5.30 31.54 46.77
C ALA A 488 6.68 31.66 46.16
N GLY A 489 7.35 32.79 46.42
CA GLY A 489 8.73 33.01 45.97
C GLY A 489 8.88 33.50 44.54
N LEU A 490 7.76 33.60 43.82
CA LEU A 490 7.75 34.08 42.45
C LEU A 490 7.89 35.59 42.37
N THR A 491 8.58 36.07 41.35
CA THR A 491 8.71 37.51 41.10
C THR A 491 7.45 38.05 40.44
N SER A 492 7.21 39.35 40.60
CA SER A 492 6.04 40.03 40.02
C SER A 492 5.81 39.68 38.54
N GLN A 493 6.91 39.63 37.77
CA GLN A 493 6.84 39.29 36.35
C GLN A 493 6.38 37.85 36.11
N GLN A 494 6.91 36.92 36.90
CA GLN A 494 6.56 35.50 36.82
C GLN A 494 5.07 35.26 37.13
N ARG A 495 4.58 35.92 38.17
CA ARG A 495 3.17 35.86 38.57
C ARG A 495 2.28 36.34 37.42
N ALA A 496 2.60 37.51 36.87
CA ALA A 496 1.82 38.12 35.79
C ALA A 496 1.81 37.25 34.53
N ALA A 497 2.93 36.57 34.29
CA ALA A 497 3.06 35.63 33.17
C ALA A 497 2.16 34.43 33.39
N GLN A 498 2.18 33.90 34.61
CA GLN A 498 1.33 32.78 35.00
C GLN A 498 -0.16 33.16 34.94
N ASP A 499 -0.48 34.35 35.45
CA ASP A 499 -1.83 34.89 35.41
C ASP A 499 -2.36 34.93 33.97
N LEU A 500 -1.51 35.37 33.05
CA LEU A 500 -1.88 35.55 31.65
C LEU A 500 -2.11 34.22 30.93
N VAL A 501 -1.21 33.25 31.14
CA VAL A 501 -1.37 31.91 30.58
C VAL A 501 -2.70 31.31 31.05
N ARG A 502 -2.99 31.46 32.33
CA ARG A 502 -4.24 30.99 32.91
C ARG A 502 -5.43 31.74 32.30
N LYS A 503 -5.34 33.06 32.23
CA LYS A 503 -6.38 33.90 31.67
C LYS A 503 -6.71 33.50 30.24
N LEU A 504 -5.66 33.37 29.43
CA LEU A 504 -5.80 33.15 27.98
C LEU A 504 -6.26 31.73 27.63
N ALA A 505 -5.70 30.73 28.31
CA ALA A 505 -6.01 29.33 28.02
C ALA A 505 -7.44 28.94 28.37
N ASN A 506 -7.90 29.41 29.53
CA ASN A 506 -9.28 29.18 29.98
C ASN A 506 -10.28 29.89 29.08
N TRP A 507 -9.87 31.07 28.61
CA TRP A 507 -10.63 31.83 27.64
C TRP A 507 -10.69 31.09 26.30
N ARG A 508 -9.55 30.52 25.89
CA ARG A 508 -9.45 29.75 24.64
C ARG A 508 -10.38 28.54 24.64
N LYS A 509 -10.60 27.96 25.82
CA LYS A 509 -11.50 26.82 25.97
C LYS A 509 -12.93 27.16 25.54
N ASN A 510 -13.34 28.40 25.78
CA ASN A 510 -14.69 28.85 25.44
C ASN A 510 -14.78 29.61 24.12
N GLN A 511 -13.80 29.42 23.25
CA GLN A 511 -13.81 30.06 21.93
C GLN A 511 -13.83 29.03 20.79
N PRO A 512 -15.03 28.54 20.43
CA PRO A 512 -15.15 27.63 19.29
C PRO A 512 -14.74 28.29 17.97
N VAL A 513 -14.70 29.62 17.96
CA VAL A 513 -14.26 30.38 16.79
C VAL A 513 -12.75 30.23 16.56
N ILE A 514 -11.99 30.08 17.64
CA ILE A 514 -10.56 29.77 17.54
C ILE A 514 -10.32 28.31 17.14
N HIS A 515 -11.20 27.42 17.61
CA HIS A 515 -11.09 25.99 17.33
C HIS A 515 -11.39 25.68 15.86
N ASN A 516 -12.62 25.94 15.44
CA ASN A 516 -13.12 25.47 14.14
C ASN A 516 -13.28 26.59 13.11
N GLY A 517 -13.22 27.84 13.55
CA GLY A 517 -13.43 28.99 12.68
C GLY A 517 -12.36 29.21 11.63
N ARG A 518 -12.56 30.26 10.82
CA ARG A 518 -11.64 30.59 9.73
C ARG A 518 -10.57 31.61 10.16
N LEU A 519 -9.57 31.78 9.31
CA LEU A 519 -8.52 32.78 9.54
C LEU A 519 -8.33 33.65 8.31
N MET A 520 -8.31 34.96 8.52
CA MET A 520 -7.84 35.90 7.51
C MET A 520 -6.74 36.76 8.11
N HIS A 521 -5.52 36.62 7.58
CA HIS A 521 -4.41 37.47 8.00
C HIS A 521 -4.07 38.52 6.95
N PHE A 522 -3.29 39.51 7.36
CA PHE A 522 -2.84 40.57 6.49
C PHE A 522 -1.32 40.57 6.46
N GLY A 523 -0.74 40.95 5.32
CA GLY A 523 0.70 41.06 5.20
C GLY A 523 1.27 42.02 6.24
N PRO A 524 2.27 41.59 7.02
CA PRO A 524 2.90 42.46 7.98
C PRO A 524 3.57 43.65 7.29
N GLU A 525 3.43 44.83 7.89
CA GLU A 525 4.01 46.04 7.35
C GLU A 525 4.69 46.80 8.49
N GLU A 526 5.98 47.10 8.31
CA GLU A 526 6.81 47.71 9.35
C GLU A 526 6.72 46.91 10.65
N ASN A 527 6.96 45.60 10.55
CA ASN A 527 6.90 44.68 11.68
C ASN A 527 5.64 44.81 12.56
N THR A 528 4.53 45.20 11.94
CA THR A 528 3.22 45.17 12.59
C THR A 528 2.38 44.11 11.89
N TRP A 529 1.48 43.46 12.62
CA TRP A 529 0.70 42.36 12.05
C TRP A 529 -0.74 42.32 12.54
N VAL A 530 -1.67 42.07 11.63
CA VAL A 530 -3.09 42.03 11.94
C VAL A 530 -3.76 40.80 11.32
N TYR A 531 -4.38 39.98 12.16
CA TYR A 531 -5.14 38.83 11.68
C TYR A 531 -6.46 38.63 12.41
N PHE A 532 -7.33 37.83 11.80
CA PHE A 532 -8.68 37.63 12.30
C PHE A 532 -9.06 36.15 12.39
N ARG A 533 -9.69 35.78 13.49
CA ARG A 533 -10.43 34.53 13.56
C ARG A 533 -11.89 34.88 13.40
N TYR A 534 -12.61 34.17 12.55
CA TYR A 534 -13.99 34.52 12.27
C TYR A 534 -14.91 33.37 11.83
N ASN A 535 -16.13 33.41 12.37
CA ASN A 535 -17.27 32.70 11.81
C ASN A 535 -18.48 33.64 11.88
N LYS A 536 -19.69 33.11 11.72
CA LYS A 536 -20.89 33.95 11.79
C LYS A 536 -21.27 34.33 13.23
N ASP A 537 -20.59 33.73 14.21
CA ASP A 537 -20.89 33.97 15.63
C ASP A 537 -19.97 35.02 16.25
N LYS A 538 -18.72 35.05 15.80
CA LYS A 538 -17.70 35.88 16.44
C LYS A 538 -16.56 36.24 15.52
N ARG A 539 -15.89 37.35 15.83
CA ARG A 539 -14.65 37.75 15.20
C ARG A 539 -13.63 38.07 16.27
N ILE A 540 -12.39 37.64 16.06
CA ILE A 540 -11.30 37.97 16.97
C ILE A 540 -10.16 38.63 16.19
N MET A 541 -10.02 39.92 16.40
CA MET A 541 -8.94 40.69 15.80
C MET A 541 -7.72 40.63 16.71
N VAL A 542 -6.66 40.05 16.18
CA VAL A 542 -5.38 40.09 16.86
C VAL A 542 -4.46 41.03 16.09
N ALA A 543 -4.03 42.10 16.76
CA ALA A 543 -3.11 43.05 16.18
C ALA A 543 -1.88 43.19 17.07
N MET A 544 -0.71 43.07 16.48
CA MET A 544 0.54 43.18 17.24
C MET A 544 1.56 44.13 16.59
N ASN A 545 2.29 44.84 17.45
CA ASN A 545 3.30 45.79 17.02
C ASN A 545 4.66 45.39 17.59
N ASN A 546 5.52 44.84 16.72
CA ASN A 546 6.85 44.38 17.12
C ASN A 546 7.91 45.47 16.95
N ASN A 547 7.62 46.65 17.50
CA ASN A 547 8.56 47.78 17.50
C ASN A 547 8.49 48.50 18.85
N ASP A 548 9.64 49.01 19.31
CA ASP A 548 9.68 49.77 20.57
C ASP A 548 9.29 51.24 20.39
N LYS A 549 8.62 51.53 19.27
CA LYS A 549 7.99 52.82 19.02
C LYS A 549 6.49 52.58 18.77
N PRO A 550 5.64 53.57 19.08
CA PRO A 550 4.21 53.40 18.83
C PRO A 550 3.89 53.38 17.33
N MET A 551 2.87 52.63 16.94
CA MET A 551 2.47 52.52 15.54
C MET A 551 0.99 52.79 15.37
N THR A 552 0.64 53.42 14.26
CA THR A 552 -0.75 53.67 13.90
C THR A 552 -1.05 53.07 12.53
N LEU A 553 -2.03 52.17 12.49
CA LEU A 553 -2.43 51.50 11.25
C LEU A 553 -3.83 51.96 10.84
N PRO A 554 -3.95 52.51 9.61
CA PRO A 554 -5.26 52.84 9.05
C PRO A 554 -6.15 51.61 9.00
N THR A 555 -7.36 51.72 9.54
CA THR A 555 -8.28 50.59 9.64
C THR A 555 -9.07 50.38 8.35
N ALA A 556 -8.90 51.28 7.38
CA ALA A 556 -9.54 51.15 6.06
C ALA A 556 -9.03 49.91 5.34
N ARG A 557 -7.79 49.53 5.63
CA ARG A 557 -7.14 48.36 5.04
C ARG A 557 -7.82 47.04 5.42
N PHE A 558 -8.37 46.98 6.64
CA PHE A 558 -8.93 45.73 7.17
C PHE A 558 -10.46 45.67 7.14
N GLN A 559 -11.08 46.49 6.29
CA GLN A 559 -12.53 46.66 6.30
C GLN A 559 -13.36 45.47 5.82
N GLU A 560 -12.74 44.55 5.08
CA GLU A 560 -13.42 43.32 4.66
C GLU A 560 -13.62 42.38 5.86
N MET A 561 -12.92 42.67 6.95
CA MET A 561 -13.07 41.95 8.21
C MET A 561 -13.81 42.80 9.23
N LEU A 562 -13.42 44.08 9.31
CA LEU A 562 -14.01 45.04 10.24
C LEU A 562 -15.49 45.34 9.92
N LYS A 563 -15.77 45.58 8.64
CA LYS A 563 -17.13 45.83 8.14
C LYS A 563 -17.91 46.86 8.98
N GLY A 564 -17.31 48.04 9.17
CA GLY A 564 -17.99 49.15 9.83
C GLY A 564 -17.83 49.25 11.33
N ALA A 565 -17.48 48.13 11.97
CA ALA A 565 -17.31 48.08 13.43
C ALA A 565 -16.53 49.29 13.96
N PRO A 566 -17.19 50.11 14.81
CA PRO A 566 -16.64 51.39 15.24
C PRO A 566 -15.50 51.27 16.27
N SER A 567 -15.61 50.28 17.15
CA SER A 567 -14.60 50.03 18.18
C SER A 567 -14.78 48.63 18.77
N GLY A 568 -13.76 48.17 19.50
CA GLY A 568 -13.81 46.86 20.13
C GLY A 568 -13.04 46.77 21.43
N VAL A 569 -13.52 45.92 22.33
CA VAL A 569 -12.92 45.75 23.64
C VAL A 569 -11.76 44.74 23.58
N ASP A 570 -10.58 45.19 23.97
CA ASP A 570 -9.42 44.30 24.13
C ASP A 570 -9.65 43.37 25.32
N PHE A 571 -9.42 42.08 25.11
CA PHE A 571 -9.56 41.09 26.18
C PHE A 571 -8.43 41.21 27.21
N LEU A 572 -7.25 41.61 26.74
CA LEU A 572 -6.07 41.69 27.60
C LEU A 572 -6.13 42.85 28.57
N SER A 573 -6.13 44.08 28.04
CA SER A 573 -6.15 45.29 28.86
C SER A 573 -7.54 45.60 29.41
N GLY A 574 -8.56 45.23 28.66
CA GLY A 574 -9.95 45.56 29.03
C GLY A 574 -10.45 46.86 28.42
N LYS A 575 -9.50 47.71 28.03
CA LYS A 575 -9.79 49.02 27.44
C LYS A 575 -10.38 48.88 26.04
N THR A 576 -11.28 49.81 25.69
CA THR A 576 -11.88 49.83 24.36
C THR A 576 -10.91 50.48 23.38
N VAL A 577 -10.64 49.79 22.28
CA VAL A 577 -9.72 50.28 21.27
C VAL A 577 -10.49 50.81 20.05
N GLY A 578 -10.15 52.02 19.62
CA GLY A 578 -10.83 52.67 18.50
C GLY A 578 -10.48 52.04 17.16
N LEU A 579 -11.50 51.65 16.41
CA LEU A 579 -11.32 51.00 15.12
C LEU A 579 -12.00 51.73 13.95
N GLY A 580 -12.54 52.92 14.25
CA GLY A 580 -13.26 53.71 13.27
C GLY A 580 -12.40 54.19 12.11
N ARG A 581 -11.33 54.92 12.46
CA ARG A 581 -10.44 55.49 11.45
C ARG A 581 -9.06 54.82 11.52
N GLU A 582 -8.38 55.00 12.65
CA GLU A 582 -7.03 54.47 12.84
C GLU A 582 -6.93 53.55 14.06
N LEU A 583 -5.99 52.61 14.00
CA LEU A 583 -5.71 51.73 15.12
C LEU A 583 -4.41 52.15 15.81
N ARG A 584 -4.54 52.71 17.02
CA ARG A 584 -3.39 53.14 17.81
C ARG A 584 -2.83 51.95 18.58
N LEU A 585 -1.60 51.55 18.24
CA LEU A 585 -0.93 50.45 18.92
C LEU A 585 0.26 50.93 19.75
N ALA A 586 0.30 50.53 21.02
CA ALA A 586 1.38 50.87 21.94
C ALA A 586 2.67 50.15 21.55
N PRO A 587 3.83 50.68 21.99
CA PRO A 587 5.11 50.04 21.70
C PRO A 587 5.20 48.61 22.24
N LYS A 588 5.61 47.69 21.38
CA LYS A 588 5.74 46.25 21.71
C LYS A 588 4.46 45.64 22.33
N SER A 589 3.31 46.10 21.85
CA SER A 589 2.03 45.68 22.43
C SER A 589 1.24 44.73 21.53
N VAL A 590 0.27 44.05 22.13
CA VAL A 590 -0.64 43.18 21.39
C VAL A 590 -2.06 43.37 21.92
N VAL A 591 -3.03 43.39 21.01
CA VAL A 591 -4.44 43.47 21.39
C VAL A 591 -5.24 42.31 20.85
N VAL A 592 -6.15 41.79 21.67
CA VAL A 592 -7.08 40.73 21.27
C VAL A 592 -8.48 41.30 21.35
N ILE A 593 -9.01 41.72 20.21
CA ILE A 593 -10.29 42.41 20.16
C ILE A 593 -11.38 41.46 19.69
N GLU A 594 -12.41 41.30 20.52
CA GLU A 594 -13.55 40.45 20.20
C GLU A 594 -14.67 41.30 19.61
N LEU A 595 -15.29 40.79 18.55
CA LEU A 595 -16.33 41.51 17.82
C LEU A 595 -17.49 40.60 17.46
N PRO A 596 -18.71 41.16 17.31
CA PRO A 596 -19.88 40.42 16.87
C PRO A 596 -19.67 39.66 15.57
N GLY A 597 -20.48 38.63 15.33
CA GLY A 597 -20.42 37.84 14.12
C GLY A 597 -20.59 38.64 12.84
N LEU A 598 -20.03 38.11 11.75
CA LEU A 598 -20.03 38.78 10.46
C LEU A 598 -21.35 38.56 9.71
N PRO A 599 -21.95 39.66 9.18
CA PRO A 599 -23.18 39.59 8.39
C PRO A 599 -22.95 38.95 7.03
N PRO B 3 2.66 -41.22 -0.75
CA PRO B 3 3.15 -40.56 0.46
C PRO B 3 4.52 -41.06 0.90
N THR B 4 5.48 -40.13 1.02
CA THR B 4 6.83 -40.44 1.51
C THR B 4 7.29 -39.42 2.57
N ALA B 5 8.60 -39.40 2.85
CA ALA B 5 9.18 -38.51 3.85
C ALA B 5 8.93 -37.03 3.51
N ILE B 6 9.49 -36.58 2.39
CA ILE B 6 9.22 -35.24 1.87
C ILE B 6 8.46 -35.38 0.55
N GLU B 7 7.13 -35.30 0.64
CA GLU B 7 6.25 -35.51 -0.52
C GLU B 7 6.29 -34.32 -1.48
N HIS B 8 6.33 -33.10 -0.94
CA HIS B 8 6.40 -31.89 -1.76
C HIS B 8 7.33 -30.83 -1.18
N MET B 9 8.19 -30.28 -2.04
CA MET B 9 8.99 -29.10 -1.72
C MET B 9 8.73 -28.07 -2.82
N GLU B 10 8.09 -26.96 -2.44
CA GLU B 10 7.65 -25.97 -3.42
C GLU B 10 8.00 -24.53 -3.02
N PRO B 11 8.69 -23.79 -3.91
CA PRO B 11 9.25 -24.22 -5.20
C PRO B 11 10.32 -25.31 -5.02
N PRO B 12 10.49 -26.19 -6.02
CA PRO B 12 11.47 -27.28 -5.94
C PRO B 12 12.92 -26.80 -6.03
N PHE B 13 13.11 -25.67 -6.70
CA PHE B 13 14.41 -25.00 -6.80
C PHE B 13 14.18 -23.50 -7.02
N TRP B 14 15.27 -22.74 -6.98
CA TRP B 14 15.19 -21.29 -7.13
C TRP B 14 16.39 -20.73 -7.89
N TRP B 15 16.45 -19.41 -8.02
CA TRP B 15 17.53 -18.76 -8.74
C TRP B 15 18.35 -17.83 -7.87
N ALA B 16 19.62 -17.68 -8.24
CA ALA B 16 20.51 -16.71 -7.61
C ALA B 16 20.39 -15.38 -8.32
N GLY B 17 20.43 -14.29 -7.55
CA GLY B 17 20.42 -12.94 -8.11
C GLY B 17 19.05 -12.47 -8.54
N MET B 18 18.02 -12.86 -7.79
CA MET B 18 16.66 -12.35 -8.01
C MET B 18 16.51 -10.99 -7.33
N GLN B 19 15.42 -10.28 -7.64
CA GLN B 19 15.16 -8.97 -7.06
C GLN B 19 14.74 -9.07 -5.59
N HIS B 20 13.63 -9.76 -5.34
CA HIS B 20 13.16 -10.02 -3.98
C HIS B 20 13.99 -11.16 -3.41
N LYS B 21 14.87 -10.81 -2.47
CA LYS B 21 15.82 -11.75 -1.88
C LYS B 21 15.16 -12.88 -1.09
N GLY B 22 14.01 -12.59 -0.49
CA GLY B 22 13.29 -13.55 0.34
C GLY B 22 12.68 -14.71 -0.44
N LEU B 23 12.65 -15.88 0.20
CA LEU B 23 12.04 -17.07 -0.36
C LEU B 23 11.36 -17.89 0.73
N GLN B 24 10.08 -18.18 0.54
CA GLN B 24 9.33 -19.03 1.46
C GLN B 24 9.06 -20.39 0.85
N LEU B 25 9.64 -21.43 1.45
CA LEU B 25 9.45 -22.79 0.97
C LEU B 25 8.30 -23.47 1.67
N MET B 26 7.36 -24.01 0.88
CA MET B 26 6.25 -24.78 1.42
C MET B 26 6.61 -26.27 1.36
N VAL B 27 7.03 -26.81 2.49
CA VAL B 27 7.44 -28.21 2.57
C VAL B 27 6.28 -29.07 3.05
N HIS B 28 6.02 -30.15 2.33
CA HIS B 28 4.93 -31.09 2.65
C HIS B 28 5.50 -32.48 2.86
N GLY B 29 5.09 -33.12 3.96
CA GLY B 29 5.57 -34.46 4.32
C GLY B 29 5.10 -34.87 5.69
N ARG B 30 4.99 -36.17 5.92
CA ARG B 30 4.49 -36.71 7.19
C ARG B 30 5.30 -36.18 8.38
N ASP B 31 4.62 -35.41 9.23
CA ASP B 31 5.23 -34.80 10.43
C ASP B 31 6.40 -33.85 10.18
N ILE B 32 6.56 -33.41 8.93
CA ILE B 32 7.65 -32.50 8.58
C ILE B 32 7.54 -31.16 9.31
N GLY B 33 6.33 -30.81 9.72
CA GLY B 33 6.08 -29.58 10.49
C GLY B 33 6.54 -29.67 11.93
N ARG B 34 6.73 -30.90 12.43
CA ARG B 34 7.20 -31.12 13.80
C ARG B 34 8.71 -31.30 13.84
N MET B 35 9.39 -30.82 12.80
CA MET B 35 10.83 -30.95 12.71
C MET B 35 11.53 -29.61 12.52
N GLU B 36 12.81 -29.56 12.89
CA GLU B 36 13.60 -28.34 12.79
C GLU B 36 14.41 -28.34 11.51
N ALA B 37 14.48 -27.18 10.85
CA ALA B 37 15.25 -27.01 9.64
C ALA B 37 16.58 -26.30 9.93
N ALA B 38 17.62 -26.70 9.20
CA ALA B 38 18.92 -26.06 9.26
C ALA B 38 19.66 -26.20 7.93
N LEU B 39 20.48 -25.20 7.61
CA LEU B 39 21.28 -25.21 6.37
C LEU B 39 22.60 -24.47 6.54
N ASP B 40 23.57 -24.83 5.70
CA ASP B 40 24.87 -24.16 5.69
C ASP B 40 25.30 -23.84 4.26
N TYR B 41 25.05 -22.60 3.86
CA TYR B 41 25.38 -22.11 2.51
C TYR B 41 25.65 -20.61 2.54
N PRO B 42 26.78 -20.18 1.96
CA PRO B 42 27.13 -18.76 1.92
C PRO B 42 26.13 -17.97 1.10
N GLY B 43 25.64 -16.87 1.65
CA GLY B 43 24.67 -16.02 0.97
C GLY B 43 23.23 -16.31 1.35
N VAL B 44 22.97 -17.52 1.84
CA VAL B 44 21.63 -17.94 2.23
C VAL B 44 21.48 -18.00 3.74
N ARG B 45 20.46 -17.32 4.25
CA ARG B 45 20.17 -17.30 5.68
C ARG B 45 18.80 -17.92 5.95
N LEU B 46 18.75 -18.82 6.94
CA LEU B 46 17.49 -19.28 7.47
C LEU B 46 16.93 -18.19 8.36
N VAL B 47 15.91 -17.49 7.88
CA VAL B 47 15.32 -16.37 8.61
C VAL B 47 14.44 -16.91 9.74
N SER B 48 13.55 -17.83 9.38
CA SER B 48 12.60 -18.41 10.32
C SER B 48 11.88 -19.60 9.70
N THR B 49 11.27 -20.43 10.53
CA THR B 49 10.35 -21.44 10.06
C THR B 49 8.99 -21.22 10.70
N THR B 50 7.93 -21.48 9.94
CA THR B 50 6.57 -21.36 10.41
C THR B 50 5.85 -22.70 10.26
N ARG B 51 5.24 -23.17 11.35
CA ARG B 51 4.46 -24.40 11.32
C ARG B 51 3.01 -24.16 11.78
N VAL B 52 2.11 -25.01 11.28
CA VAL B 52 0.67 -24.83 11.42
C VAL B 52 0.02 -26.05 12.08
N PRO B 53 -1.22 -25.90 12.62
CA PRO B 53 -1.98 -26.99 13.26
C PRO B 53 -1.86 -28.34 12.55
N ASN B 54 -1.79 -28.32 11.22
CA ASN B 54 -1.51 -29.52 10.44
C ASN B 54 -0.02 -29.84 10.48
N ALA B 55 0.31 -30.94 11.13
CA ALA B 55 1.70 -31.38 11.31
C ALA B 55 2.41 -31.75 10.02
N ASN B 56 1.64 -31.92 8.94
CA ASN B 56 2.18 -32.36 7.66
C ASN B 56 2.78 -31.26 6.79
N TYR B 57 2.81 -30.04 7.32
CA TYR B 57 3.36 -28.90 6.58
C TYR B 57 4.31 -28.04 7.39
N LEU B 58 5.40 -27.63 6.75
CA LEU B 58 6.37 -26.71 7.33
C LEU B 58 6.75 -25.62 6.33
N PHE B 59 6.67 -24.37 6.76
CA PHE B 59 7.01 -23.23 5.92
C PHE B 59 8.38 -22.68 6.32
N VAL B 60 9.32 -22.68 5.37
CA VAL B 60 10.69 -22.30 5.63
C VAL B 60 11.00 -20.98 4.94
N ASP B 61 11.30 -19.95 5.73
CA ASP B 61 11.62 -18.63 5.19
C ASP B 61 13.12 -18.45 5.04
N LEU B 62 13.54 -18.09 3.83
CA LEU B 62 14.96 -17.90 3.52
C LEU B 62 15.23 -16.51 2.97
N GLU B 63 16.47 -16.05 3.20
CA GLU B 63 16.95 -14.81 2.62
C GLU B 63 18.13 -15.16 1.72
N ILE B 64 17.93 -15.01 0.41
CA ILE B 64 18.98 -15.27 -0.56
C ILE B 64 19.61 -13.93 -0.96
N GLY B 65 20.64 -13.54 -0.21
CA GLY B 65 21.36 -12.29 -0.45
C GLY B 65 22.04 -12.24 -1.81
N PRO B 66 22.33 -11.02 -2.30
CA PRO B 66 22.87 -10.79 -3.65
C PRO B 66 24.25 -11.43 -3.89
N GLU B 67 24.86 -11.93 -2.83
CA GLU B 67 26.17 -12.55 -2.91
C GLU B 67 26.11 -14.07 -3.04
N ALA B 68 24.90 -14.62 -2.89
CA ALA B 68 24.70 -16.06 -3.01
C ALA B 68 24.99 -16.55 -4.43
N GLN B 69 25.99 -17.42 -4.53
CA GLN B 69 26.40 -18.01 -5.81
C GLN B 69 25.47 -19.16 -6.19
N PRO B 70 25.36 -19.45 -7.49
CA PRO B 70 24.61 -20.65 -7.91
C PRO B 70 25.26 -21.94 -7.42
N GLY B 71 24.43 -22.92 -7.09
CA GLY B 71 24.91 -24.19 -6.55
C GLY B 71 23.80 -24.87 -5.75
N SER B 72 24.19 -25.85 -4.95
CA SER B 72 23.21 -26.63 -4.19
C SER B 72 23.59 -26.79 -2.72
N PHE B 73 22.59 -26.82 -1.87
CA PHE B 73 22.80 -27.07 -0.44
C PHE B 73 21.72 -27.97 0.12
N ASP B 74 22.10 -28.78 1.11
CA ASP B 74 21.15 -29.62 1.82
C ASP B 74 20.42 -28.79 2.87
N ILE B 75 19.10 -28.94 2.89
CA ILE B 75 18.31 -28.45 4.01
C ILE B 75 17.98 -29.65 4.88
N VAL B 76 18.71 -29.79 5.99
CA VAL B 76 18.53 -30.91 6.90
C VAL B 76 17.31 -30.66 7.79
N PHE B 77 16.48 -31.69 7.90
CA PHE B 77 15.33 -31.65 8.80
C PHE B 77 15.57 -32.62 9.95
N LYS B 78 15.46 -32.11 11.17
CA LYS B 78 15.77 -32.88 12.36
C LYS B 78 14.69 -32.73 13.43
N GLY B 79 14.27 -33.86 13.99
CA GLY B 79 13.25 -33.90 15.02
C GLY B 79 12.73 -35.31 15.20
N ASP B 80 12.04 -35.55 16.32
CA ASP B 80 11.43 -36.85 16.64
C ASP B 80 12.44 -38.01 16.66
N GLY B 81 13.73 -37.67 16.72
CA GLY B 81 14.81 -38.66 16.66
C GLY B 81 15.03 -39.24 15.27
N ARG B 82 14.96 -38.39 14.25
CA ARG B 82 15.21 -38.80 12.86
C ARG B 82 15.69 -37.65 11.99
N SER B 83 16.33 -37.99 10.86
CA SER B 83 16.86 -36.99 9.94
C SER B 83 16.27 -37.14 8.54
N GLU B 84 15.98 -36.01 7.91
CA GLU B 84 15.51 -35.98 6.52
C GLU B 84 16.27 -34.92 5.72
N ARG B 85 16.65 -35.28 4.49
CA ARG B 85 17.44 -34.40 3.63
C ARG B 85 16.66 -33.95 2.41
N TYR B 86 16.97 -32.76 1.93
CA TYR B 86 16.55 -32.31 0.61
C TYR B 86 17.64 -31.40 0.04
N ARG B 87 18.18 -31.79 -1.10
CA ARG B 87 19.15 -30.95 -1.80
C ARG B 87 18.42 -29.87 -2.59
N TYR B 88 18.57 -28.63 -2.13
CA TYR B 88 17.92 -27.50 -2.77
C TYR B 88 18.90 -26.82 -3.73
N ARG B 89 18.46 -26.65 -4.97
CA ARG B 89 19.33 -26.13 -6.02
C ARG B 89 19.09 -24.64 -6.27
N LEU B 90 20.18 -23.88 -6.31
CA LEU B 90 20.16 -22.48 -6.75
C LEU B 90 20.72 -22.39 -8.15
N LEU B 91 19.82 -22.10 -9.09
CA LEU B 91 20.17 -22.06 -10.51
C LEU B 91 20.71 -20.69 -10.89
N ALA B 92 21.64 -20.67 -11.83
CA ALA B 92 22.12 -19.42 -12.41
C ALA B 92 21.06 -18.87 -13.36
N ARG B 93 20.95 -17.54 -13.41
CA ARG B 93 20.00 -16.89 -14.31
C ARG B 93 20.65 -16.67 -15.67
N GLU B 94 19.82 -16.62 -16.70
CA GLU B 94 20.27 -16.25 -18.05
C GLU B 94 20.65 -14.78 -18.09
N GLN B 95 21.59 -14.42 -18.95
CA GLN B 95 21.96 -13.03 -19.16
C GLN B 95 20.75 -12.24 -19.62
N GLY B 96 20.45 -11.16 -18.91
CA GLY B 96 19.31 -10.30 -19.23
C GLY B 96 17.98 -10.97 -19.02
N SER B 97 17.86 -11.72 -17.93
CA SER B 97 16.62 -12.41 -17.58
C SER B 97 15.58 -11.48 -16.94
N ALA B 98 16.04 -10.63 -16.04
CA ALA B 98 15.17 -9.69 -15.32
C ALA B 98 14.56 -8.64 -16.24
N GLN B 99 15.30 -8.26 -17.28
CA GLN B 99 14.89 -7.19 -18.19
C GLN B 99 14.16 -7.72 -19.43
N ARG B 100 13.83 -9.00 -19.44
CA ARG B 100 13.15 -9.64 -20.58
C ARG B 100 12.01 -8.77 -21.12
N GLN B 101 12.00 -8.58 -22.43
CA GLN B 101 10.99 -7.76 -23.07
C GLN B 101 9.67 -8.52 -23.13
N GLY B 102 8.64 -7.94 -22.50
CA GLY B 102 7.30 -8.52 -22.54
C GLY B 102 6.65 -8.24 -23.88
N PHE B 103 5.52 -8.89 -24.12
CA PHE B 103 4.74 -8.63 -25.33
C PHE B 103 4.21 -7.21 -25.31
N GLY B 104 4.13 -6.59 -26.48
CA GLY B 104 3.68 -5.21 -26.58
C GLY B 104 2.88 -4.90 -27.82
N PRO B 105 2.76 -3.60 -28.14
CA PRO B 105 1.99 -3.11 -29.31
C PRO B 105 2.49 -3.68 -30.64
N GLY B 106 3.78 -4.00 -30.71
CA GLY B 106 4.37 -4.55 -31.93
C GLY B 106 4.15 -6.03 -32.12
N ASP B 107 3.64 -6.68 -31.08
CA ASP B 107 3.41 -8.12 -31.10
C ASP B 107 2.03 -8.48 -31.64
N ALA B 108 1.82 -9.76 -31.92
CA ALA B 108 0.52 -10.28 -32.34
C ALA B 108 0.31 -11.64 -31.67
N ILE B 109 -0.71 -11.73 -30.84
CA ILE B 109 -0.92 -12.89 -29.98
C ILE B 109 -1.84 -13.94 -30.60
N TYR B 110 -1.35 -15.17 -30.67
CA TYR B 110 -2.09 -16.30 -31.20
C TYR B 110 -2.50 -17.21 -30.04
N GLN B 111 -3.80 -17.33 -29.81
CA GLN B 111 -4.32 -18.15 -28.71
C GLN B 111 -4.74 -19.55 -29.16
N ILE B 112 -4.12 -20.56 -28.55
CA ILE B 112 -4.53 -21.96 -28.73
C ILE B 112 -5.00 -22.59 -27.43
N MET B 113 -5.87 -23.58 -27.55
CA MET B 113 -6.10 -24.52 -26.48
C MET B 113 -5.26 -25.76 -26.79
N PRO B 114 -4.29 -26.08 -25.92
CA PRO B 114 -3.29 -27.11 -26.19
C PRO B 114 -3.90 -28.45 -26.63
N ASP B 115 -4.97 -28.87 -25.94
CA ASP B 115 -5.65 -30.12 -26.22
C ASP B 115 -6.50 -30.08 -27.49
N ARG B 116 -6.82 -28.88 -27.94
CA ARG B 116 -7.71 -28.70 -29.08
C ARG B 116 -6.99 -28.22 -30.34
N PHE B 117 -5.70 -27.94 -30.21
CA PHE B 117 -4.92 -27.42 -31.33
C PHE B 117 -4.31 -28.53 -32.17
N ALA B 118 -3.30 -29.23 -31.64
CA ALA B 118 -2.60 -30.27 -32.41
C ALA B 118 -2.11 -31.44 -31.56
N ASN B 119 -2.43 -32.65 -32.02
CA ASN B 119 -2.00 -33.90 -31.37
C ASN B 119 -0.76 -34.45 -32.08
N GLY B 120 0.41 -34.15 -31.53
CA GLY B 120 1.68 -34.58 -32.10
C GLY B 120 2.21 -35.85 -31.48
N ASP B 121 1.54 -36.29 -30.42
CA ASP B 121 1.90 -37.52 -29.72
C ASP B 121 0.63 -38.17 -29.15
N PRO B 122 0.14 -39.23 -29.81
CA PRO B 122 -1.05 -39.94 -29.33
C PRO B 122 -0.78 -40.85 -28.13
N SER B 123 0.50 -41.11 -27.83
CA SER B 123 0.87 -42.00 -26.72
C SER B 123 0.56 -41.40 -25.34
N ASN B 124 0.52 -40.07 -25.27
CA ASN B 124 0.17 -39.39 -24.02
C ASN B 124 -1.30 -38.96 -23.92
N ASP B 125 -2.10 -39.31 -24.94
CA ASP B 125 -3.54 -39.06 -24.92
C ASP B 125 -4.17 -39.55 -23.62
N ASN B 126 -3.75 -40.73 -23.20
CA ASN B 126 -4.08 -41.27 -21.89
C ASN B 126 -2.81 -41.54 -21.10
N VAL B 127 -2.89 -41.34 -19.79
CA VAL B 127 -1.78 -41.66 -18.90
C VAL B 127 -2.34 -42.45 -17.71
N ALA B 128 -1.63 -43.52 -17.34
CA ALA B 128 -2.00 -44.32 -16.17
C ALA B 128 -1.93 -43.48 -14.90
N GLY B 129 -3.01 -43.47 -14.14
CA GLY B 129 -3.11 -42.67 -12.93
C GLY B 129 -4.03 -41.47 -13.04
N MET B 130 -4.05 -40.86 -14.22
CA MET B 130 -4.94 -39.73 -14.49
C MET B 130 -6.39 -40.20 -14.58
N ARG B 131 -7.29 -39.42 -14.00
CA ARG B 131 -8.69 -39.82 -13.81
C ARG B 131 -9.51 -39.89 -15.11
N GLU B 132 -9.45 -38.85 -15.92
CA GLU B 132 -10.24 -38.78 -17.16
C GLU B 132 -9.56 -39.48 -18.33
N GLN B 133 -10.31 -40.39 -18.96
CA GLN B 133 -9.84 -41.07 -20.17
C GLN B 133 -10.17 -40.21 -21.39
N ALA B 134 -9.32 -40.31 -22.41
CA ALA B 134 -9.47 -39.51 -23.63
C ALA B 134 -10.69 -39.94 -24.45
N ASP B 135 -11.44 -38.94 -24.92
CA ASP B 135 -12.60 -39.15 -25.78
C ASP B 135 -12.75 -37.99 -26.75
N ARG B 136 -12.33 -38.20 -27.99
CA ARG B 136 -12.34 -37.16 -29.02
C ARG B 136 -13.75 -36.84 -29.53
N ARG B 137 -14.70 -37.72 -29.24
CA ARG B 137 -16.10 -37.52 -29.65
C ARG B 137 -16.85 -36.55 -28.75
N HIS B 138 -16.49 -36.52 -27.46
CA HIS B 138 -17.18 -35.68 -26.48
C HIS B 138 -16.68 -34.23 -26.54
N GLY B 139 -17.63 -33.29 -26.51
CA GLY B 139 -17.33 -31.87 -26.56
C GLY B 139 -16.62 -31.31 -25.34
N GLY B 140 -16.79 -31.98 -24.20
CA GLY B 140 -16.14 -31.59 -22.96
C GLY B 140 -15.07 -32.56 -22.52
N GLY B 141 -14.66 -33.43 -23.45
CA GLY B 141 -13.63 -34.44 -23.17
C GLY B 141 -12.25 -34.04 -23.69
N ARG B 142 -11.27 -34.88 -23.38
CA ARG B 142 -9.90 -34.66 -23.85
C ARG B 142 -9.72 -35.26 -25.23
N HIS B 143 -9.34 -34.42 -26.18
CA HIS B 143 -9.20 -34.83 -27.57
C HIS B 143 -7.79 -35.35 -27.88
N GLY B 144 -6.82 -34.94 -27.07
CA GLY B 144 -5.46 -35.51 -27.15
C GLY B 144 -4.36 -34.55 -27.56
N GLY B 145 -4.71 -33.31 -27.87
CA GLY B 145 -3.74 -32.30 -28.27
C GLY B 145 -2.70 -32.04 -27.21
N ASP B 146 -1.47 -31.78 -27.64
CA ASP B 146 -0.34 -31.69 -26.72
C ASP B 146 0.73 -30.68 -27.17
N ILE B 147 1.79 -30.57 -26.38
CA ILE B 147 2.90 -29.65 -26.64
C ILE B 147 3.68 -30.03 -27.89
N ARG B 148 3.83 -31.33 -28.13
CA ARG B 148 4.53 -31.82 -29.32
C ARG B 148 3.85 -31.30 -30.58
N GLY B 149 2.52 -31.43 -30.63
CA GLY B 149 1.73 -30.93 -31.75
C GLY B 149 1.96 -29.45 -32.00
N THR B 150 1.98 -28.67 -30.93
CA THR B 150 2.18 -27.22 -31.00
C THR B 150 3.55 -26.88 -31.59
N ILE B 151 4.60 -27.56 -31.11
CA ILE B 151 5.97 -27.34 -31.62
C ILE B 151 6.09 -27.61 -33.12
N ASP B 152 5.52 -28.73 -33.55
CA ASP B 152 5.52 -29.15 -34.97
C ASP B 152 4.92 -28.11 -35.92
N HIS B 153 4.11 -27.21 -35.37
CA HIS B 153 3.38 -26.22 -36.18
C HIS B 153 3.69 -24.77 -35.82
N LEU B 154 4.80 -24.53 -35.13
CA LEU B 154 5.18 -23.17 -34.72
C LEU B 154 5.46 -22.27 -35.94
N ASP B 155 6.00 -22.87 -36.99
CA ASP B 155 6.29 -22.15 -38.23
C ASP B 155 5.04 -21.70 -38.97
N TYR B 156 3.94 -22.43 -38.80
CA TYR B 156 2.63 -22.03 -39.31
C TYR B 156 2.12 -20.77 -38.61
N ILE B 157 2.33 -20.71 -37.30
CA ILE B 157 1.94 -19.55 -36.50
C ILE B 157 2.80 -18.34 -36.85
N ALA B 158 4.12 -18.54 -36.86
CA ALA B 158 5.06 -17.49 -37.24
C ALA B 158 4.85 -17.04 -38.68
N GLY B 159 4.51 -17.99 -39.55
CA GLY B 159 4.21 -17.72 -40.95
C GLY B 159 2.94 -16.91 -41.13
N LEU B 160 1.96 -17.18 -40.27
CA LEU B 160 0.73 -16.38 -40.22
C LEU B 160 1.01 -14.92 -39.85
N GLY B 161 2.10 -14.69 -39.12
CA GLY B 161 2.51 -13.35 -38.73
C GLY B 161 2.33 -13.05 -37.26
N PHE B 162 2.25 -14.10 -36.45
CA PHE B 162 2.11 -13.95 -35.01
C PHE B 162 3.45 -14.06 -34.32
N THR B 163 3.62 -13.26 -33.27
CA THR B 163 4.89 -13.13 -32.58
C THR B 163 4.79 -13.51 -31.11
N GLN B 164 3.61 -13.97 -30.71
CA GLN B 164 3.34 -14.42 -29.34
C GLN B 164 2.40 -15.62 -29.33
N LEU B 165 2.61 -16.54 -28.39
CA LEU B 165 1.74 -17.69 -28.23
C LEU B 165 1.14 -17.75 -26.83
N TRP B 166 -0.18 -17.68 -26.77
CA TRP B 166 -0.90 -17.84 -25.51
C TRP B 166 -1.70 -19.15 -25.53
N PRO B 167 -1.16 -20.19 -24.88
CA PRO B 167 -1.93 -21.39 -24.67
C PRO B 167 -2.66 -21.36 -23.32
N THR B 168 -3.91 -21.82 -23.32
CA THR B 168 -4.68 -21.97 -22.09
C THR B 168 -3.98 -23.00 -21.18
N PRO B 169 -4.23 -22.96 -19.86
CA PRO B 169 -3.33 -23.59 -18.89
C PRO B 169 -2.94 -25.04 -19.20
N LEU B 170 -1.64 -25.30 -19.20
CA LEU B 170 -1.11 -26.65 -19.40
C LEU B 170 -0.73 -27.28 -18.06
N VAL B 171 -1.10 -26.59 -16.98
CA VAL B 171 -0.93 -27.07 -15.61
C VAL B 171 -1.84 -28.27 -15.33
N GLU B 172 -1.35 -29.20 -14.50
CA GLU B 172 -2.08 -30.43 -14.19
C GLU B 172 -3.53 -30.19 -13.78
N ASN B 173 -4.44 -30.91 -14.44
CA ASN B 173 -5.87 -30.81 -14.18
C ASN B 173 -6.53 -32.17 -13.93
N ASP B 174 -5.90 -32.99 -13.10
CA ASP B 174 -6.33 -34.38 -12.89
C ASP B 174 -7.72 -34.50 -12.25
N ALA B 175 -8.75 -34.23 -13.05
CA ALA B 175 -10.14 -34.38 -12.64
C ALA B 175 -10.84 -35.48 -13.43
N ALA B 176 -11.94 -35.99 -12.88
CA ALA B 176 -12.73 -37.03 -13.54
C ALA B 176 -13.40 -36.54 -14.83
N ALA B 177 -13.79 -35.26 -14.85
CA ALA B 177 -14.43 -34.66 -16.01
C ALA B 177 -13.86 -33.27 -16.32
N TYR B 178 -14.12 -32.81 -17.55
CA TYR B 178 -13.72 -31.48 -18.01
C TYR B 178 -12.30 -31.07 -17.61
N SER B 179 -11.34 -31.96 -17.83
CA SER B 179 -9.95 -31.69 -17.47
C SER B 179 -9.18 -31.05 -18.63
N TYR B 180 -9.82 -30.99 -19.80
CA TYR B 180 -9.16 -30.51 -21.00
C TYR B 180 -8.83 -29.02 -20.98
N HIS B 181 -9.67 -28.22 -20.33
CA HIS B 181 -9.54 -26.76 -20.41
C HIS B 181 -8.38 -26.15 -19.62
N GLY B 182 -7.96 -26.81 -18.53
CA GLY B 182 -6.76 -26.42 -17.79
C GLY B 182 -6.96 -25.51 -16.60
N TYR B 183 -8.17 -24.99 -16.43
CA TYR B 183 -8.44 -23.95 -15.44
C TYR B 183 -8.67 -24.43 -14.00
N ALA B 184 -8.48 -25.73 -13.76
CA ALA B 184 -8.63 -26.32 -12.44
C ALA B 184 -7.35 -27.03 -12.01
N ALA B 185 -6.39 -26.25 -11.54
CA ALA B 185 -5.09 -26.77 -11.12
C ALA B 185 -5.21 -27.83 -10.03
N THR B 186 -4.53 -28.96 -10.25
CA THR B 186 -4.42 -30.01 -9.23
C THR B 186 -2.96 -30.17 -8.81
N ASP B 187 -2.08 -29.45 -9.51
CA ASP B 187 -0.65 -29.38 -9.22
C ASP B 187 -0.09 -28.16 -9.97
N HIS B 188 0.27 -27.12 -9.23
CA HIS B 188 0.75 -25.86 -9.82
C HIS B 188 2.16 -25.94 -10.40
N TYR B 189 2.90 -26.97 -10.02
CA TYR B 189 4.31 -27.08 -10.41
C TYR B 189 4.59 -28.18 -11.43
N ARG B 190 3.52 -28.70 -12.04
CA ARG B 190 3.68 -29.76 -13.04
C ARG B 190 2.78 -29.54 -14.25
N ILE B 191 3.38 -29.66 -15.43
CA ILE B 191 2.64 -29.69 -16.69
C ILE B 191 1.87 -31.02 -16.73
N ASP B 192 0.57 -30.92 -16.99
CA ASP B 192 -0.26 -32.11 -17.15
C ASP B 192 0.43 -33.08 -18.10
N PRO B 193 0.69 -34.33 -17.63
CA PRO B 193 1.50 -35.30 -18.36
C PRO B 193 0.93 -35.66 -19.73
N ARG B 194 -0.36 -35.40 -19.91
CA ARG B 194 -1.04 -35.63 -21.19
C ARG B 194 -0.68 -34.58 -22.25
N TYR B 195 -0.12 -33.44 -21.82
CA TYR B 195 0.41 -32.43 -22.73
C TYR B 195 1.90 -32.66 -22.95
N GLY B 196 2.54 -33.28 -21.96
CA GLY B 196 3.99 -33.49 -21.97
C GLY B 196 4.57 -33.27 -20.59
N SER B 197 5.90 -33.13 -20.54
CA SER B 197 6.60 -32.89 -19.28
C SER B 197 6.91 -31.41 -19.10
N ASN B 198 7.43 -31.05 -17.92
CA ASN B 198 7.89 -29.69 -17.66
C ASN B 198 8.98 -29.29 -18.64
N GLU B 199 9.92 -30.20 -18.87
CA GLU B 199 11.02 -30.00 -19.81
C GLU B 199 10.52 -29.67 -21.22
N ASP B 200 9.40 -30.30 -21.61
CA ASP B 200 8.77 -30.06 -22.91
C ASP B 200 8.21 -28.65 -23.03
N PHE B 201 7.68 -28.12 -21.93
CA PHE B 201 7.13 -26.76 -21.89
C PHE B 201 8.23 -25.70 -21.99
N VAL B 202 9.43 -26.06 -21.53
CA VAL B 202 10.61 -25.23 -21.72
C VAL B 202 11.08 -25.32 -23.18
N ARG B 203 10.93 -26.51 -23.75
CA ARG B 203 11.26 -26.74 -25.16
C ARG B 203 10.35 -25.89 -26.04
N LEU B 204 9.07 -25.82 -25.67
CA LEU B 204 8.08 -25.00 -26.37
C LEU B 204 8.50 -23.53 -26.42
N SER B 205 9.08 -23.03 -25.33
CA SER B 205 9.51 -21.65 -25.24
C SER B 205 10.80 -21.37 -26.02
N THR B 206 11.75 -22.31 -25.95
CA THR B 206 13.01 -22.18 -26.68
C THR B 206 12.81 -22.31 -28.20
N GLU B 207 11.90 -23.21 -28.60
CA GLU B 207 11.58 -23.41 -30.01
C GLU B 207 10.84 -22.21 -30.58
N ALA B 208 9.85 -21.70 -29.86
CA ALA B 208 9.08 -20.52 -30.28
C ALA B 208 9.97 -19.28 -30.37
N ARG B 209 10.96 -19.18 -29.48
CA ARG B 209 11.94 -18.08 -29.51
C ARG B 209 12.75 -18.10 -30.80
N LYS B 210 13.04 -19.29 -31.32
CA LYS B 210 13.80 -19.47 -32.57
C LYS B 210 13.11 -18.84 -33.78
N ARG B 211 11.81 -18.57 -33.66
CA ARG B 211 11.03 -17.87 -34.69
C ARG B 211 10.74 -16.42 -34.31
N GLY B 212 11.32 -15.96 -33.20
CA GLY B 212 11.06 -14.62 -32.66
C GLY B 212 9.71 -14.52 -31.98
N MET B 213 9.24 -15.63 -31.42
CA MET B 213 7.92 -15.71 -30.82
C MET B 213 8.04 -15.89 -29.32
N GLY B 214 7.28 -15.08 -28.57
CA GLY B 214 7.25 -15.19 -27.13
C GLY B 214 6.17 -16.13 -26.65
N LEU B 215 6.33 -16.64 -25.43
CA LEU B 215 5.34 -17.54 -24.84
C LEU B 215 4.68 -16.89 -23.62
N ILE B 216 3.35 -16.86 -23.66
CA ILE B 216 2.55 -16.23 -22.61
C ILE B 216 1.76 -17.31 -21.88
N GLN B 217 2.04 -17.49 -20.58
CA GLN B 217 1.35 -18.50 -19.79
C GLN B 217 0.01 -18.00 -19.28
N ASP B 218 -1.00 -18.85 -19.39
CA ASP B 218 -2.32 -18.57 -18.84
C ASP B 218 -2.29 -19.05 -17.39
N VAL B 219 -2.50 -18.12 -16.47
CA VAL B 219 -2.34 -18.40 -15.05
C VAL B 219 -3.63 -18.17 -14.26
N VAL B 220 -3.92 -19.10 -13.36
CA VAL B 220 -5.08 -18.99 -12.49
C VAL B 220 -4.64 -18.81 -11.04
N LEU B 221 -5.10 -17.72 -10.43
CA LEU B 221 -4.70 -17.37 -9.08
C LEU B 221 -5.85 -17.49 -8.10
N SER B 222 -7.07 -17.43 -8.63
CA SER B 222 -8.27 -17.38 -7.79
C SER B 222 -8.66 -18.73 -7.20
N HIS B 223 -8.57 -19.79 -8.01
CA HIS B 223 -9.12 -21.08 -7.64
C HIS B 223 -8.27 -22.27 -8.11
N ILE B 224 -8.50 -23.42 -7.48
CA ILE B 224 -7.88 -24.68 -7.85
C ILE B 224 -8.95 -25.71 -8.22
N GLY B 225 -8.52 -26.95 -8.50
CA GLY B 225 -9.43 -28.07 -8.73
C GLY B 225 -9.62 -28.89 -7.47
N LYS B 226 -10.76 -29.57 -7.36
CA LYS B 226 -11.11 -30.35 -6.17
C LYS B 226 -10.21 -31.55 -5.90
N HIS B 227 -9.46 -31.98 -6.92
CA HIS B 227 -8.57 -33.12 -6.79
C HIS B 227 -7.11 -32.72 -6.58
N HIS B 228 -6.89 -31.45 -6.28
CA HIS B 228 -5.58 -30.96 -5.89
C HIS B 228 -5.13 -31.72 -4.66
N TRP B 229 -3.86 -32.12 -4.64
CA TRP B 229 -3.34 -32.93 -3.54
C TRP B 229 -3.45 -32.23 -2.18
N TRP B 230 -3.70 -30.92 -2.22
CA TRP B 230 -4.00 -30.15 -1.01
C TRP B 230 -5.30 -30.60 -0.36
N MET B 231 -6.29 -30.96 -1.19
CA MET B 231 -7.65 -31.21 -0.72
C MET B 231 -7.80 -32.41 0.21
N LYS B 232 -6.92 -33.40 0.06
CA LYS B 232 -6.93 -34.57 0.94
C LYS B 232 -5.98 -34.44 2.14
N ASP B 233 -5.54 -33.22 2.41
CA ASP B 233 -4.68 -32.89 3.55
C ASP B 233 -4.48 -31.37 3.64
N LEU B 234 -5.58 -30.64 3.82
CA LEU B 234 -5.55 -29.18 3.81
C LEU B 234 -4.50 -28.58 4.76
N PRO B 235 -3.64 -27.68 4.22
CA PRO B 235 -2.55 -27.08 5.00
C PRO B 235 -3.05 -26.30 6.21
N THR B 236 -4.11 -25.51 6.01
CA THR B 236 -4.75 -24.75 7.08
C THR B 236 -6.28 -24.79 6.91
N PRO B 237 -7.04 -24.55 7.99
CA PRO B 237 -8.50 -24.44 7.89
C PRO B 237 -8.97 -23.26 7.04
N ASP B 238 -8.09 -22.29 6.78
CA ASP B 238 -8.42 -21.14 5.94
C ASP B 238 -7.56 -21.06 4.67
N TRP B 239 -7.06 -22.20 4.20
CA TRP B 239 -6.31 -22.25 2.96
C TRP B 239 -7.25 -22.01 1.78
N ILE B 240 -8.46 -22.54 1.91
CA ILE B 240 -9.56 -22.27 0.99
C ILE B 240 -10.60 -21.41 1.70
N ASN B 241 -11.43 -20.72 0.92
CA ASN B 241 -12.53 -19.94 1.47
C ASN B 241 -13.79 -20.80 1.62
N TYR B 242 -14.55 -20.53 2.67
CA TYR B 242 -15.78 -21.27 3.00
C TYR B 242 -15.56 -22.79 3.06
N GLY B 243 -15.27 -23.29 4.27
CA GLY B 243 -15.00 -24.70 4.49
C GLY B 243 -16.09 -25.66 4.00
N GLY B 244 -17.03 -25.97 4.88
CA GLY B 244 -18.06 -26.99 4.60
C GLY B 244 -19.06 -26.63 3.53
N LYS B 245 -20.13 -25.93 3.92
CA LYS B 245 -21.22 -25.57 3.01
C LYS B 245 -20.68 -24.86 1.78
N PHE B 246 -21.19 -25.25 0.61
CA PHE B 246 -20.75 -24.68 -0.66
C PHE B 246 -21.39 -23.31 -0.93
N VAL B 247 -20.55 -22.28 -0.99
CA VAL B 247 -21.02 -20.90 -1.17
C VAL B 247 -20.55 -20.32 -2.52
N PRO B 248 -21.42 -20.34 -3.54
CA PRO B 248 -21.06 -19.85 -4.88
C PRO B 248 -20.99 -18.33 -4.98
N THR B 249 -20.13 -17.83 -5.86
CA THR B 249 -20.05 -16.39 -6.14
C THR B 249 -21.22 -15.95 -7.01
N GLN B 250 -21.68 -14.72 -6.81
CA GLN B 250 -22.78 -14.17 -7.61
C GLN B 250 -22.32 -13.09 -8.60
N HIS B 251 -21.00 -13.02 -8.79
CA HIS B 251 -20.37 -12.25 -9.88
C HIS B 251 -20.60 -10.73 -9.84
N HIS B 252 -20.88 -10.19 -8.66
CA HIS B 252 -21.04 -8.75 -8.50
C HIS B 252 -19.67 -8.08 -8.50
N ARG B 253 -19.08 -7.94 -9.69
CA ARG B 253 -17.68 -7.51 -9.83
C ARG B 253 -17.44 -6.04 -9.52
N VAL B 254 -18.49 -5.23 -9.57
CA VAL B 254 -18.36 -3.81 -9.32
C VAL B 254 -18.28 -3.48 -7.82
N ALA B 255 -18.54 -4.49 -6.99
CA ALA B 255 -18.57 -4.33 -5.53
C ALA B 255 -17.23 -3.94 -4.92
N VAL B 256 -16.13 -4.33 -5.56
CA VAL B 256 -14.79 -3.94 -5.12
C VAL B 256 -14.49 -2.46 -5.39
N GLN B 257 -15.28 -1.85 -6.27
CA GLN B 257 -15.05 -0.48 -6.73
C GLN B 257 -16.34 0.33 -6.79
N ASP B 258 -17.16 0.21 -5.75
CA ASP B 258 -18.48 0.83 -5.71
C ASP B 258 -18.65 1.61 -4.39
N PRO B 259 -18.96 2.92 -4.48
CA PRO B 259 -19.21 3.74 -3.29
C PRO B 259 -20.42 3.30 -2.46
N TYR B 260 -21.37 2.62 -3.11
CA TYR B 260 -22.59 2.16 -2.43
C TYR B 260 -22.58 0.66 -2.16
N ALA B 261 -21.41 0.04 -2.31
CA ALA B 261 -21.28 -1.41 -2.19
C ALA B 261 -21.44 -1.92 -0.76
N ALA B 262 -21.94 -3.15 -0.65
CA ALA B 262 -22.02 -3.85 0.63
C ALA B 262 -20.87 -4.84 0.73
N GLN B 263 -20.30 -4.95 1.93
CA GLN B 263 -19.22 -5.90 2.19
C GLN B 263 -19.56 -7.31 1.74
N ALA B 264 -20.80 -7.73 2.00
CA ALA B 264 -21.29 -9.05 1.60
C ALA B 264 -21.09 -9.33 0.12
N ASP B 265 -21.35 -8.33 -0.73
CA ASP B 265 -21.19 -8.47 -2.17
C ASP B 265 -19.72 -8.50 -2.57
N SER B 266 -18.91 -7.67 -1.90
CA SER B 266 -17.47 -7.62 -2.13
C SER B 266 -16.82 -8.94 -1.72
N GLU B 267 -17.20 -9.43 -0.55
CA GLU B 267 -16.70 -10.70 -0.02
C GLU B 267 -17.16 -11.87 -0.88
N ASN B 268 -18.42 -11.82 -1.32
CA ASN B 268 -18.99 -12.87 -2.18
C ASN B 268 -18.28 -12.96 -3.53
N PHE B 269 -17.74 -11.84 -4.00
CA PHE B 269 -17.03 -11.79 -5.27
C PHE B 269 -15.63 -12.40 -5.17
N THR B 270 -14.89 -12.03 -4.13
CA THR B 270 -13.50 -12.47 -3.98
C THR B 270 -13.33 -13.79 -3.22
N LYS B 271 -14.36 -14.18 -2.48
CA LYS B 271 -14.28 -15.39 -1.66
C LYS B 271 -15.23 -16.50 -2.13
N GLY B 272 -16.16 -16.14 -3.01
CA GLY B 272 -17.09 -17.11 -3.58
C GLY B 272 -16.44 -18.07 -4.56
N TRP B 273 -17.05 -19.25 -4.72
CA TRP B 273 -16.58 -20.28 -5.65
C TRP B 273 -17.30 -20.15 -6.99
N PHE B 274 -16.63 -20.56 -8.06
CA PHE B 274 -17.25 -20.62 -9.39
C PHE B 274 -18.18 -21.83 -9.49
N VAL B 275 -17.67 -23.00 -9.13
CA VAL B 275 -18.44 -24.23 -9.03
C VAL B 275 -17.98 -25.02 -7.81
N GLU B 276 -18.78 -26.01 -7.39
CA GLU B 276 -18.45 -26.86 -6.24
C GLU B 276 -17.15 -27.63 -6.43
N GLY B 277 -16.78 -27.86 -7.69
CA GLY B 277 -15.56 -28.59 -8.03
C GLY B 277 -14.33 -27.72 -8.22
N MET B 278 -14.46 -26.42 -7.92
CA MET B 278 -13.33 -25.49 -8.01
C MET B 278 -13.10 -24.69 -6.73
N PRO B 279 -12.41 -25.29 -5.74
CA PRO B 279 -12.12 -24.63 -4.47
C PRO B 279 -11.43 -23.28 -4.64
N ASP B 280 -12.03 -22.25 -4.04
CA ASP B 280 -11.52 -20.89 -4.12
C ASP B 280 -10.37 -20.68 -3.13
N LEU B 281 -9.26 -20.13 -3.63
CA LEU B 281 -8.09 -19.85 -2.78
C LEU B 281 -8.27 -18.58 -1.96
N ASN B 282 -7.87 -18.67 -0.70
CA ASN B 282 -7.92 -17.54 0.22
C ASN B 282 -6.57 -16.82 0.26
N GLN B 283 -6.46 -15.74 -0.52
CA GLN B 283 -5.20 -15.02 -0.68
C GLN B 283 -4.91 -14.06 0.46
N THR B 284 -5.88 -13.86 1.36
CA THR B 284 -5.66 -13.04 2.57
C THR B 284 -4.72 -13.75 3.53
N ASN B 285 -4.72 -15.08 3.47
CA ASN B 285 -3.71 -15.91 4.12
C ASN B 285 -2.36 -15.70 3.43
N PRO B 286 -1.38 -15.15 4.16
CA PRO B 286 -0.11 -14.77 3.52
C PRO B 286 0.67 -15.95 2.96
N LEU B 287 0.44 -17.16 3.49
CA LEU B 287 1.10 -18.38 3.01
C LEU B 287 0.61 -18.77 1.62
N VAL B 288 -0.66 -18.49 1.33
CA VAL B 288 -1.25 -18.72 0.01
C VAL B 288 -0.72 -17.67 -0.96
N ALA B 289 -0.75 -16.41 -0.54
CA ALA B 289 -0.25 -15.28 -1.33
C ALA B 289 1.20 -15.49 -1.72
N ASN B 290 2.03 -15.88 -0.75
CA ASN B 290 3.43 -16.18 -1.01
C ASN B 290 3.59 -17.32 -2.01
N TYR B 291 2.71 -18.31 -1.90
CA TYR B 291 2.77 -19.48 -2.78
C TYR B 291 2.53 -19.14 -4.25
N LEU B 292 1.48 -18.34 -4.51
CA LEU B 292 1.07 -18.03 -5.88
C LEU B 292 2.04 -17.08 -6.58
N ILE B 293 2.50 -16.08 -5.84
CA ILE B 293 3.51 -15.14 -6.33
C ILE B 293 4.77 -15.90 -6.77
N GLN B 294 5.26 -16.79 -5.90
CA GLN B 294 6.48 -17.53 -6.16
C GLN B 294 6.36 -18.50 -7.34
N ASN B 295 5.27 -19.27 -7.35
CA ASN B 295 5.00 -20.23 -8.43
C ASN B 295 4.99 -19.57 -9.81
N ASN B 296 4.27 -18.47 -9.93
CA ASN B 296 4.18 -17.74 -11.19
C ASN B 296 5.54 -17.18 -11.63
N ILE B 297 6.29 -16.63 -10.68
CA ILE B 297 7.66 -16.19 -10.95
C ILE B 297 8.52 -17.38 -11.39
N TRP B 298 8.38 -18.50 -10.69
CA TRP B 298 9.10 -19.74 -11.00
C TRP B 298 8.86 -20.15 -12.46
N TRP B 299 7.61 -20.12 -12.90
CA TRP B 299 7.23 -20.42 -14.27
C TRP B 299 7.89 -19.49 -15.30
N ILE B 300 7.81 -18.19 -15.05
CA ILE B 300 8.43 -17.18 -15.91
C ILE B 300 9.93 -17.45 -16.08
N GLU B 301 10.61 -17.71 -14.96
CA GLU B 301 12.06 -17.94 -14.98
C GLU B 301 12.44 -19.30 -15.55
N TYR B 302 11.68 -20.34 -15.20
CA TYR B 302 11.96 -21.70 -15.64
C TYR B 302 11.68 -21.91 -17.12
N ALA B 303 10.54 -21.40 -17.59
CA ALA B 303 10.13 -21.63 -18.97
C ALA B 303 10.40 -20.44 -19.89
N GLY B 304 11.20 -19.48 -19.42
CA GLY B 304 11.60 -18.32 -20.21
C GLY B 304 10.44 -17.60 -20.89
N LEU B 305 9.37 -17.37 -20.13
CA LEU B 305 8.18 -16.71 -20.65
C LEU B 305 8.41 -15.23 -20.93
N SER B 306 7.54 -14.64 -21.75
CA SER B 306 7.62 -13.22 -22.07
C SER B 306 6.32 -12.50 -21.69
N GLY B 307 5.55 -13.12 -20.80
CA GLY B 307 4.30 -12.52 -20.33
C GLY B 307 3.34 -13.50 -19.72
N LEU B 308 2.25 -12.98 -19.16
CA LEU B 308 1.23 -13.79 -18.51
C LEU B 308 -0.19 -13.32 -18.87
N ARG B 309 -1.12 -14.28 -18.87
CA ARG B 309 -2.54 -14.00 -19.03
C ARG B 309 -3.19 -14.42 -17.72
N ILE B 310 -3.60 -13.45 -16.92
CA ILE B 310 -4.18 -13.74 -15.62
C ILE B 310 -5.68 -13.97 -15.77
N ASP B 311 -6.10 -15.21 -15.55
CA ASP B 311 -7.51 -15.62 -15.66
C ASP B 311 -8.35 -14.96 -14.58
N THR B 312 -9.63 -14.76 -14.90
CA THR B 312 -10.63 -14.25 -13.95
C THR B 312 -10.00 -13.35 -12.89
N TYR B 313 -9.56 -12.16 -13.32
CA TYR B 313 -8.68 -11.30 -12.54
C TYR B 313 -9.27 -10.83 -11.21
N GLY B 314 -10.42 -10.18 -11.27
CA GLY B 314 -11.03 -9.56 -10.10
C GLY B 314 -11.44 -10.49 -8.96
N TYR B 315 -11.57 -11.78 -9.27
CA TYR B 315 -12.05 -12.77 -8.28
C TYR B 315 -11.02 -13.07 -7.19
N SER B 316 -9.77 -12.68 -7.42
CA SER B 316 -8.74 -12.72 -6.40
C SER B 316 -8.86 -11.50 -5.50
N ASP B 317 -8.32 -11.61 -4.29
CA ASP B 317 -8.31 -10.50 -3.34
C ASP B 317 -7.59 -9.28 -3.92
N GLY B 318 -8.19 -8.12 -3.75
CA GLY B 318 -7.63 -6.86 -4.23
C GLY B 318 -6.23 -6.59 -3.71
N ALA B 319 -6.07 -6.63 -2.39
CA ALA B 319 -4.79 -6.39 -1.73
C ALA B 319 -3.70 -7.35 -2.20
N PHE B 320 -4.07 -8.62 -2.37
CA PHE B 320 -3.16 -9.62 -2.90
C PHE B 320 -2.75 -9.30 -4.33
N LEU B 321 -3.72 -8.91 -5.16
CA LEU B 321 -3.46 -8.57 -6.55
C LEU B 321 -2.47 -7.42 -6.68
N THR B 322 -2.63 -6.41 -5.82
CA THR B 322 -1.68 -5.30 -5.72
C THR B 322 -0.27 -5.80 -5.44
N GLU B 323 -0.13 -6.68 -4.47
CA GLU B 323 1.17 -7.23 -4.08
C GLU B 323 1.70 -8.20 -5.14
N TYR B 324 0.83 -9.05 -5.66
CA TYR B 324 1.19 -10.00 -6.70
C TYR B 324 1.79 -9.28 -7.90
N THR B 325 1.08 -8.28 -8.42
CA THR B 325 1.52 -7.53 -9.59
C THR B 325 2.81 -6.76 -9.33
N ARG B 326 2.92 -6.17 -8.14
CA ARG B 326 4.13 -5.43 -7.74
C ARG B 326 5.36 -6.34 -7.73
N ARG B 327 5.21 -7.52 -7.16
CA ARG B 327 6.32 -8.46 -6.99
C ARG B 327 6.85 -8.94 -8.34
N LEU B 328 5.93 -9.25 -9.26
CA LEU B 328 6.29 -9.75 -10.58
C LEU B 328 6.88 -8.66 -11.47
N MET B 329 6.39 -7.43 -11.33
CA MET B 329 6.93 -6.29 -12.08
C MET B 329 8.28 -5.82 -11.52
N ALA B 330 8.52 -6.09 -10.24
CA ALA B 330 9.81 -5.81 -9.62
C ALA B 330 10.88 -6.77 -10.13
N GLU B 331 10.49 -8.01 -10.38
CA GLU B 331 11.39 -9.02 -10.93
C GLU B 331 11.61 -8.80 -12.42
N TYR B 332 10.56 -8.34 -13.09
CA TYR B 332 10.61 -8.13 -14.55
C TYR B 332 9.95 -6.80 -14.91
N PRO B 333 10.70 -5.68 -14.82
CA PRO B 333 10.16 -4.34 -15.09
C PRO B 333 9.61 -4.16 -16.51
N ARG B 334 10.18 -4.90 -17.47
CA ARG B 334 9.80 -4.78 -18.88
C ARG B 334 8.75 -5.79 -19.34
N LEU B 335 8.32 -6.66 -18.42
CA LEU B 335 7.30 -7.67 -18.73
C LEU B 335 5.92 -7.03 -18.96
N ASN B 336 5.04 -7.78 -19.61
CA ASN B 336 3.65 -7.39 -19.78
C ASN B 336 2.74 -8.48 -19.23
N MET B 337 1.67 -8.07 -18.56
CA MET B 337 0.68 -9.01 -18.03
C MET B 337 -0.71 -8.50 -18.37
N VAL B 338 -1.50 -9.33 -19.03
CA VAL B 338 -2.88 -8.99 -19.37
C VAL B 338 -3.84 -9.76 -18.46
N GLY B 339 -4.80 -9.03 -17.90
CA GLY B 339 -5.76 -9.62 -16.97
C GLY B 339 -7.14 -9.75 -17.55
N GLN B 340 -7.79 -10.88 -17.28
CA GLN B 340 -9.15 -11.11 -17.73
C GLN B 340 -10.15 -10.59 -16.70
N GLU B 341 -10.63 -9.36 -16.92
CA GLU B 341 -11.74 -8.84 -16.16
C GLU B 341 -12.89 -8.69 -17.13
N TRP B 342 -13.89 -9.55 -16.98
CA TRP B 342 -15.00 -9.63 -17.92
C TRP B 342 -16.07 -8.58 -17.65
N SER B 343 -15.91 -7.43 -18.30
CA SER B 343 -16.91 -6.36 -18.26
C SER B 343 -16.87 -5.56 -19.55
N THR B 344 -18.04 -5.33 -20.15
CA THR B 344 -18.14 -4.54 -21.36
C THR B 344 -18.19 -3.04 -21.04
N ARG B 345 -17.97 -2.71 -19.77
CA ARG B 345 -17.89 -1.33 -19.31
C ARG B 345 -16.42 -0.94 -19.19
N VAL B 346 -16.08 0.19 -19.80
CA VAL B 346 -14.71 0.72 -19.77
C VAL B 346 -14.21 1.02 -18.33
N PRO B 347 -15.01 1.73 -17.50
CA PRO B 347 -14.54 2.11 -16.16
C PRO B 347 -14.19 0.92 -15.25
N VAL B 348 -15.01 -0.14 -15.31
CA VAL B 348 -14.78 -1.36 -14.51
C VAL B 348 -13.44 -2.00 -14.85
N VAL B 349 -13.14 -2.07 -16.16
CA VAL B 349 -11.90 -2.65 -16.65
C VAL B 349 -10.70 -1.75 -16.32
N ALA B 350 -10.85 -0.44 -16.51
CA ALA B 350 -9.77 0.53 -16.31
C ALA B 350 -9.24 0.58 -14.87
N ARG B 351 -10.13 0.26 -13.93
CA ARG B 351 -9.83 0.24 -12.49
C ARG B 351 -8.53 -0.51 -12.18
N TRP B 352 -8.29 -1.60 -12.89
CA TRP B 352 -7.22 -2.54 -12.55
C TRP B 352 -5.87 -2.22 -13.20
N GLN B 353 -5.84 -1.29 -14.15
CA GLN B 353 -4.60 -1.00 -14.88
C GLN B 353 -3.58 -0.24 -14.04
N ARG B 354 -2.30 -0.48 -14.35
CA ARG B 354 -1.16 0.15 -13.70
C ARG B 354 -1.15 1.65 -13.96
N GLY B 355 -1.04 2.42 -12.88
CA GLY B 355 -0.98 3.88 -12.97
C GLY B 355 -2.33 4.54 -12.82
N LYS B 356 -3.38 3.74 -12.78
CA LYS B 356 -4.75 4.24 -12.67
C LYS B 356 -4.99 4.91 -11.32
N ALA B 357 -5.42 6.16 -11.37
CA ALA B 357 -5.86 6.89 -10.19
C ALA B 357 -7.31 6.49 -9.91
N ASN B 358 -7.52 5.84 -8.78
CA ASN B 358 -8.86 5.41 -8.40
C ASN B 358 -9.43 6.27 -7.28
N PHE B 359 -10.77 6.36 -7.24
CA PHE B 359 -11.48 7.15 -6.25
C PHE B 359 -11.25 6.62 -4.83
N ASP B 360 -11.13 5.31 -4.70
CA ASP B 360 -10.91 4.64 -3.42
C ASP B 360 -9.43 4.41 -3.13
N GLY B 361 -8.58 4.98 -3.97
CA GLY B 361 -7.12 4.93 -3.77
C GLY B 361 -6.46 3.62 -4.12
N TYR B 362 -7.17 2.77 -4.86
CA TYR B 362 -6.63 1.46 -5.26
C TYR B 362 -5.46 1.59 -6.24
N THR B 363 -4.35 0.94 -5.90
CA THR B 363 -3.19 0.91 -6.77
C THR B 363 -2.96 -0.50 -7.30
N SER B 364 -2.40 -0.58 -8.51
CA SER B 364 -2.13 -1.85 -9.17
C SER B 364 -0.88 -1.72 -10.04
N HIS B 365 -0.26 -2.86 -10.35
CA HIS B 365 0.90 -2.89 -11.24
C HIS B 365 0.62 -3.69 -12.51
N LEU B 366 -0.65 -4.01 -12.74
CA LEU B 366 -1.07 -4.78 -13.92
C LEU B 366 -1.03 -3.91 -15.17
N PRO B 367 -0.10 -4.22 -16.10
CA PRO B 367 0.09 -3.40 -17.30
C PRO B 367 -1.07 -3.41 -18.29
N SER B 368 -1.81 -4.53 -18.36
CA SER B 368 -2.81 -4.70 -19.40
C SER B 368 -4.06 -5.45 -18.95
N LEU B 369 -5.17 -5.22 -19.66
CA LEU B 369 -6.41 -5.97 -19.47
C LEU B 369 -7.03 -6.34 -20.82
N MET B 370 -7.98 -7.28 -20.78
CA MET B 370 -8.68 -7.69 -21.98
C MET B 370 -9.73 -6.65 -22.32
N ASP B 371 -9.67 -6.13 -23.54
CA ASP B 371 -10.59 -5.08 -23.97
C ASP B 371 -11.96 -5.65 -24.32
N PHE B 372 -12.67 -6.11 -23.30
CA PHE B 372 -14.04 -6.59 -23.44
C PHE B 372 -15.05 -5.52 -23.89
N PRO B 373 -14.88 -4.26 -23.42
CA PRO B 373 -15.78 -3.22 -23.91
C PRO B 373 -15.76 -3.03 -25.43
N LEU B 374 -14.55 -3.00 -26.01
CA LEU B 374 -14.39 -2.74 -27.44
C LEU B 374 -14.73 -3.94 -28.33
N VAL B 375 -14.32 -5.13 -27.90
CA VAL B 375 -14.61 -6.37 -28.64
C VAL B 375 -16.13 -6.54 -28.78
N ASP B 376 -16.83 -6.33 -27.66
CA ASP B 376 -18.29 -6.39 -27.62
C ASP B 376 -18.89 -5.32 -28.52
N ALA B 377 -18.40 -4.09 -28.38
CA ALA B 377 -18.89 -2.95 -29.14
C ALA B 377 -18.89 -3.24 -30.65
N MET B 378 -17.77 -3.78 -31.14
CA MET B 378 -17.62 -4.12 -32.55
C MET B 378 -18.49 -5.31 -32.96
N ARG B 379 -18.56 -6.33 -32.11
CA ARG B 379 -19.37 -7.51 -32.38
C ARG B 379 -20.86 -7.18 -32.53
N ASN B 380 -21.34 -6.26 -31.69
CA ASN B 380 -22.72 -5.78 -31.76
C ASN B 380 -23.00 -4.98 -33.04
N ALA B 381 -21.98 -4.29 -33.52
CA ALA B 381 -22.10 -3.49 -34.75
C ALA B 381 -22.16 -4.37 -35.99
N LEU B 382 -21.51 -5.53 -35.92
CA LEU B 382 -21.46 -6.47 -37.04
C LEU B 382 -22.51 -7.58 -36.94
N SER B 383 -23.41 -7.48 -35.97
CA SER B 383 -24.47 -8.48 -35.78
C SER B 383 -25.87 -7.90 -36.01
N LYS B 384 -26.06 -6.64 -35.61
CA LYS B 384 -27.31 -5.93 -35.89
C LYS B 384 -27.27 -5.31 -37.28
N THR B 385 -27.95 -5.96 -38.22
CA THR B 385 -28.14 -5.42 -39.56
C THR B 385 -29.33 -4.45 -39.54
N GLY B 386 -30.24 -4.67 -38.60
CA GLY B 386 -31.40 -3.80 -38.40
C GLY B 386 -31.08 -2.51 -37.65
N GLU B 387 -29.79 -2.21 -37.52
CA GLU B 387 -29.34 -1.01 -36.85
C GLU B 387 -28.92 0.05 -37.87
N GLU B 388 -29.43 1.27 -37.69
CA GLU B 388 -29.11 2.40 -38.55
C GLU B 388 -27.63 2.81 -38.48
N ASN B 389 -27.12 2.87 -37.24
CA ASN B 389 -25.75 3.34 -36.99
C ASN B 389 -25.12 2.60 -35.81
N GLY B 390 -24.85 1.32 -36.03
CA GLY B 390 -24.33 0.45 -34.98
C GLY B 390 -22.86 0.69 -34.63
N LEU B 391 -22.09 1.12 -35.63
CA LEU B 391 -20.65 1.37 -35.46
C LEU B 391 -20.35 2.52 -34.52
N ASN B 392 -21.37 3.28 -34.13
CA ASN B 392 -21.26 4.36 -33.17
C ASN B 392 -20.82 3.89 -31.79
N GLU B 393 -21.30 2.71 -31.38
CA GLU B 393 -20.89 2.07 -30.13
C GLU B 393 -19.36 1.95 -30.02
N VAL B 394 -18.74 1.42 -31.08
CA VAL B 394 -17.29 1.24 -31.16
C VAL B 394 -16.57 2.57 -30.98
N TYR B 395 -17.05 3.59 -31.67
CA TYR B 395 -16.47 4.93 -31.67
C TYR B 395 -16.60 5.60 -30.30
N GLU B 396 -17.77 5.46 -29.69
CA GLU B 396 -18.01 6.01 -28.36
C GLU B 396 -17.21 5.28 -27.28
N THR B 397 -17.08 3.97 -27.44
CA THR B 397 -16.28 3.16 -26.52
C THR B 397 -14.81 3.57 -26.60
N LEU B 398 -14.29 3.70 -27.83
CA LEU B 398 -12.93 4.17 -28.06
C LEU B 398 -12.68 5.56 -27.48
N SER B 399 -13.71 6.40 -27.48
CA SER B 399 -13.61 7.77 -26.98
C SER B 399 -13.51 7.84 -25.45
N LEU B 400 -13.61 6.68 -24.80
CA LEU B 400 -13.50 6.60 -23.34
C LEU B 400 -12.12 6.13 -22.90
N ASP B 401 -11.19 6.04 -23.86
CA ASP B 401 -9.82 5.60 -23.59
C ASP B 401 -9.09 6.42 -22.53
N TYR B 402 -9.52 7.66 -22.33
CA TYR B 402 -8.93 8.55 -21.32
C TYR B 402 -9.09 8.01 -19.90
N LEU B 403 -10.02 7.07 -19.72
CA LEU B 403 -10.24 6.43 -18.42
C LEU B 403 -9.14 5.43 -18.09
N TYR B 404 -8.49 4.91 -19.12
CA TYR B 404 -7.33 4.04 -18.98
C TYR B 404 -6.06 4.89 -18.85
N PRO B 405 -5.20 4.58 -17.86
CA PRO B 405 -3.86 5.17 -17.79
C PRO B 405 -2.97 4.77 -18.97
N GLU B 406 -3.22 3.60 -19.56
CA GLU B 406 -2.44 3.12 -20.70
C GLU B 406 -3.30 2.29 -21.68
N PRO B 407 -4.24 2.96 -22.39
CA PRO B 407 -5.21 2.26 -23.24
C PRO B 407 -4.61 1.55 -24.46
N GLN B 408 -3.52 2.08 -24.99
CA GLN B 408 -2.91 1.51 -26.19
C GLN B 408 -2.07 0.27 -25.89
N ASN B 409 -2.04 -0.11 -24.61
CA ASN B 409 -1.37 -1.34 -24.18
C ASN B 409 -2.37 -2.47 -23.91
N LEU B 410 -3.67 -2.13 -23.86
CA LEU B 410 -4.73 -3.11 -23.68
C LEU B 410 -4.73 -4.13 -24.82
N VAL B 411 -5.20 -5.33 -24.53
CA VAL B 411 -5.25 -6.41 -25.52
C VAL B 411 -6.63 -6.47 -26.18
N LEU B 412 -6.67 -6.15 -27.47
CA LEU B 412 -7.86 -6.31 -28.29
C LEU B 412 -7.82 -7.67 -28.97
N PHE B 413 -8.97 -8.32 -29.04
CA PHE B 413 -9.05 -9.68 -29.57
C PHE B 413 -10.21 -9.92 -30.54
N GLY B 414 -9.96 -10.72 -31.56
CA GLY B 414 -11.01 -11.13 -32.49
C GLY B 414 -12.04 -12.01 -31.81
N GLY B 415 -11.59 -12.75 -30.81
CA GLY B 415 -12.43 -13.63 -30.01
C GLY B 415 -11.58 -14.54 -29.13
N ASN B 416 -12.24 -15.34 -28.29
CA ASN B 416 -11.56 -16.35 -27.48
C ASN B 416 -12.42 -17.57 -27.19
N HIS B 417 -11.84 -18.55 -26.50
CA HIS B 417 -12.50 -19.82 -26.18
C HIS B 417 -13.71 -19.71 -25.24
N ASP B 418 -13.97 -18.51 -24.70
CA ASP B 418 -15.09 -18.32 -23.78
C ASP B 418 -16.28 -17.64 -24.43
N MET B 419 -16.16 -17.31 -25.71
CA MET B 419 -17.21 -16.61 -26.44
C MET B 419 -17.39 -17.17 -27.86
N ALA B 420 -18.44 -16.72 -28.54
CA ALA B 420 -18.76 -17.17 -29.89
C ALA B 420 -17.62 -16.95 -30.88
N ARG B 421 -17.59 -17.77 -31.92
CA ARG B 421 -16.56 -17.69 -32.95
C ARG B 421 -16.70 -16.40 -33.76
N MET B 422 -15.55 -15.78 -34.04
CA MET B 422 -15.46 -14.52 -34.77
C MET B 422 -16.35 -14.51 -36.02
N PHE B 423 -16.27 -15.59 -36.80
CA PHE B 423 -17.03 -15.71 -38.05
C PHE B 423 -18.54 -15.74 -37.82
N SER B 424 -18.97 -16.48 -36.80
CA SER B 424 -20.38 -16.53 -36.43
C SER B 424 -20.87 -15.21 -35.84
N ALA B 425 -19.99 -14.56 -35.06
CA ALA B 425 -20.31 -13.27 -34.46
C ALA B 425 -20.72 -12.24 -35.51
N ALA B 426 -20.08 -12.29 -36.67
CA ALA B 426 -20.41 -11.41 -37.79
C ALA B 426 -21.48 -12.00 -38.72
N GLY B 427 -22.13 -13.08 -38.28
CA GLY B 427 -23.22 -13.70 -39.02
C GLY B 427 -22.77 -14.49 -40.25
N GLU B 428 -21.58 -15.08 -40.15
CA GLU B 428 -20.96 -15.84 -41.25
C GLU B 428 -20.90 -15.02 -42.54
N ASP B 429 -20.39 -13.81 -42.41
CA ASP B 429 -20.31 -12.85 -43.50
C ASP B 429 -18.84 -12.47 -43.67
N PHE B 430 -18.23 -12.95 -44.76
CA PHE B 430 -16.80 -12.73 -45.03
C PHE B 430 -16.44 -11.25 -45.10
N ASP B 431 -17.37 -10.43 -45.55
CA ASP B 431 -17.18 -8.98 -45.64
C ASP B 431 -17.10 -8.32 -44.26
N ARG B 432 -18.03 -8.67 -43.38
CA ARG B 432 -18.04 -8.18 -41.99
C ARG B 432 -16.88 -8.77 -41.18
N TRP B 433 -16.48 -10.00 -41.52
CA TRP B 433 -15.31 -10.63 -40.91
C TRP B 433 -14.02 -9.92 -41.33
N ARG B 434 -14.01 -9.36 -42.54
CA ARG B 434 -12.86 -8.64 -43.05
C ARG B 434 -12.73 -7.30 -42.36
N MET B 435 -13.86 -6.69 -42.05
CA MET B 435 -13.90 -5.43 -41.29
C MET B 435 -13.33 -5.65 -39.89
N ASN B 436 -13.86 -6.66 -39.21
CA ASN B 436 -13.40 -7.02 -37.86
C ASN B 436 -11.89 -7.29 -37.82
N LEU B 437 -11.39 -8.06 -38.79
CA LEU B 437 -9.96 -8.37 -38.89
C LEU B 437 -9.10 -7.11 -39.06
N VAL B 438 -9.43 -6.30 -40.05
CA VAL B 438 -8.72 -5.03 -40.30
C VAL B 438 -8.79 -4.13 -39.06
N PHE B 439 -9.97 -4.04 -38.46
CA PHE B 439 -10.19 -3.29 -37.22
C PHE B 439 -9.22 -3.74 -36.14
N LEU B 440 -9.17 -5.05 -35.93
CA LEU B 440 -8.27 -5.67 -34.95
C LEU B 440 -6.80 -5.40 -35.27
N MET B 441 -6.45 -5.41 -36.56
CA MET B 441 -5.06 -5.27 -37.00
C MET B 441 -4.57 -3.82 -37.12
N THR B 442 -5.48 -2.86 -36.99
CA THR B 442 -5.11 -1.44 -37.14
C THR B 442 -5.34 -0.59 -35.88
N MET B 443 -6.10 -1.10 -34.92
CA MET B 443 -6.36 -0.39 -33.67
C MET B 443 -5.09 -0.20 -32.84
N PRO B 444 -5.01 0.91 -32.07
CA PRO B 444 -3.88 1.11 -31.17
C PRO B 444 -4.01 0.21 -29.93
N ARG B 445 -3.72 -1.08 -30.13
CA ARG B 445 -3.87 -2.11 -29.11
C ARG B 445 -2.87 -3.22 -29.38
N ILE B 446 -2.79 -4.18 -28.46
CA ILE B 446 -2.11 -5.43 -28.72
C ILE B 446 -3.13 -6.40 -29.31
N PRO B 447 -2.92 -6.84 -30.57
CA PRO B 447 -3.88 -7.74 -31.21
C PRO B 447 -3.75 -9.20 -30.73
N GLN B 448 -4.88 -9.80 -30.43
CA GLN B 448 -4.95 -11.21 -30.03
C GLN B 448 -5.92 -11.94 -30.95
N PHE B 449 -5.49 -13.11 -31.43
CA PHE B 449 -6.25 -13.86 -32.41
C PHE B 449 -6.45 -15.29 -31.92
N TYR B 450 -7.70 -15.72 -31.88
CA TYR B 450 -8.04 -17.08 -31.46
C TYR B 450 -7.89 -18.05 -32.62
N SER B 451 -7.20 -19.16 -32.35
CA SER B 451 -6.91 -20.18 -33.36
C SER B 451 -8.18 -20.79 -33.93
N GLY B 452 -8.26 -20.82 -35.26
CA GLY B 452 -9.44 -21.33 -35.95
C GLY B 452 -10.16 -20.21 -36.68
N ASP B 453 -10.07 -19.00 -36.14
CA ASP B 453 -10.72 -17.83 -36.74
C ASP B 453 -10.09 -17.42 -38.08
N GLU B 454 -8.93 -17.99 -38.40
CA GLU B 454 -8.25 -17.72 -39.68
C GLU B 454 -8.73 -18.66 -40.79
N ILE B 455 -9.53 -19.66 -40.42
CA ILE B 455 -10.22 -20.52 -41.40
C ILE B 455 -11.73 -20.56 -41.17
N LEU B 456 -12.24 -19.48 -40.57
CA LEU B 456 -13.69 -19.22 -40.43
C LEU B 456 -14.49 -20.31 -39.70
N MET B 457 -13.92 -20.84 -38.63
CA MET B 457 -14.60 -21.87 -37.82
C MET B 457 -15.88 -21.32 -37.18
N THR B 458 -16.93 -22.13 -37.18
CA THR B 458 -18.26 -21.68 -36.75
C THR B 458 -18.62 -22.15 -35.34
N SER B 459 -19.62 -21.49 -34.77
CA SER B 459 -20.17 -21.85 -33.45
C SER B 459 -21.57 -21.24 -33.30
N THR B 460 -22.23 -21.59 -32.20
CA THR B 460 -23.50 -20.96 -31.84
C THR B 460 -23.28 -19.53 -31.34
N VAL B 461 -24.28 -18.68 -31.52
CA VAL B 461 -24.19 -17.26 -31.12
C VAL B 461 -25.05 -16.93 -29.90
N LYS B 462 -26.11 -17.69 -29.70
CA LYS B 462 -27.03 -17.49 -28.59
C LYS B 462 -26.80 -18.49 -27.46
N GLY B 463 -26.92 -18.03 -26.22
CA GLY B 463 -26.77 -18.88 -25.04
C GLY B 463 -25.33 -19.26 -24.73
N ARG B 464 -25.17 -20.35 -23.99
CA ARG B 464 -23.86 -20.86 -23.62
C ARG B 464 -23.60 -22.22 -24.27
N ASP B 465 -22.44 -22.32 -24.94
CA ASP B 465 -22.02 -23.56 -25.57
C ASP B 465 -20.50 -23.59 -25.72
N ASP B 466 -19.82 -24.00 -24.64
CA ASP B 466 -18.35 -23.98 -24.57
C ASP B 466 -17.68 -24.85 -25.62
N ALA B 467 -18.17 -26.08 -25.77
CA ALA B 467 -17.60 -27.06 -26.72
C ALA B 467 -17.60 -26.54 -28.15
N SER B 468 -18.58 -25.69 -28.46
CA SER B 468 -18.74 -25.12 -29.80
C SER B 468 -17.63 -24.13 -30.13
N TYR B 469 -17.19 -23.38 -29.11
CA TYR B 469 -16.15 -22.37 -29.30
C TYR B 469 -14.76 -22.99 -29.41
N ARG B 470 -14.64 -24.25 -28.99
CA ARG B 470 -13.34 -24.88 -28.77
C ARG B 470 -13.10 -26.15 -29.58
N ARG B 471 -13.75 -26.24 -30.75
CA ARG B 471 -13.66 -27.45 -31.58
C ARG B 471 -12.25 -27.71 -32.11
N ASP B 472 -11.95 -28.98 -32.37
CA ASP B 472 -10.65 -29.41 -32.89
C ASP B 472 -10.17 -28.55 -34.06
N PHE B 473 -8.90 -28.17 -34.03
CA PHE B 473 -8.28 -27.47 -35.15
C PHE B 473 -8.03 -28.47 -36.28
N PRO B 474 -8.68 -28.24 -37.45
CA PRO B 474 -8.54 -29.14 -38.59
C PRO B 474 -7.09 -29.24 -39.04
N GLY B 475 -6.53 -30.44 -38.95
CA GLY B 475 -5.16 -30.68 -39.36
C GLY B 475 -4.23 -31.18 -38.27
N GLY B 476 -4.61 -30.94 -37.01
CA GLY B 476 -3.80 -31.35 -35.86
C GLY B 476 -3.75 -32.84 -35.64
N TRP B 477 -4.81 -33.53 -36.05
CA TRP B 477 -4.94 -34.98 -35.83
C TRP B 477 -4.68 -35.78 -37.10
N ALA B 478 -4.13 -36.97 -36.92
CA ALA B 478 -3.82 -37.88 -38.02
C ALA B 478 -5.07 -38.32 -38.76
N GLY B 479 -5.01 -38.27 -40.09
CA GLY B 479 -6.13 -38.68 -40.93
C GLY B 479 -7.29 -37.71 -40.90
N ASP B 480 -6.98 -36.43 -40.73
CA ASP B 480 -7.99 -35.38 -40.78
C ASP B 480 -8.41 -35.15 -42.22
N LYS B 481 -9.72 -35.09 -42.44
CA LYS B 481 -10.28 -34.81 -43.76
C LYS B 481 -9.92 -33.39 -44.20
N ALA B 482 -10.27 -32.42 -43.37
CA ALA B 482 -9.88 -31.02 -43.59
C ALA B 482 -8.57 -30.73 -42.86
N ASN B 483 -7.71 -29.92 -43.48
CA ASN B 483 -6.39 -29.59 -42.92
C ASN B 483 -5.97 -28.15 -43.22
N ALA B 484 -5.94 -27.33 -42.17
CA ALA B 484 -5.62 -25.90 -42.30
C ALA B 484 -4.15 -25.63 -42.51
N PHE B 485 -3.29 -26.50 -41.98
CA PHE B 485 -1.84 -26.35 -42.11
C PHE B 485 -1.38 -26.51 -43.56
N SER B 486 -1.99 -27.47 -44.27
CA SER B 486 -1.60 -27.79 -45.64
C SER B 486 -2.51 -27.14 -46.68
N GLY B 487 -3.75 -26.84 -46.30
CA GLY B 487 -4.70 -26.18 -47.19
C GLY B 487 -5.77 -27.12 -47.75
N ALA B 488 -5.48 -28.42 -47.71
CA ALA B 488 -6.38 -29.44 -48.24
C ALA B 488 -7.72 -29.47 -47.51
N GLY B 489 -8.79 -29.74 -48.26
CA GLY B 489 -10.13 -29.90 -47.70
C GLY B 489 -10.82 -28.60 -47.29
N LEU B 490 -10.08 -27.50 -47.35
CA LEU B 490 -10.62 -26.18 -47.05
C LEU B 490 -11.34 -25.61 -48.26
N THR B 491 -12.39 -24.82 -48.01
CA THR B 491 -13.13 -24.14 -49.08
C THR B 491 -12.35 -22.95 -49.60
N SER B 492 -12.81 -22.37 -50.71
CA SER B 492 -12.20 -21.17 -51.29
C SER B 492 -12.26 -19.98 -50.32
N GLN B 493 -13.38 -19.87 -49.61
CA GLN B 493 -13.60 -18.80 -48.63
C GLN B 493 -12.68 -18.96 -47.42
N GLN B 494 -12.49 -20.20 -46.99
CA GLN B 494 -11.58 -20.52 -45.87
C GLN B 494 -10.12 -20.31 -46.25
N ARG B 495 -9.78 -20.59 -47.51
CA ARG B 495 -8.42 -20.39 -48.01
C ARG B 495 -8.09 -18.90 -48.10
N ALA B 496 -9.07 -18.10 -48.50
CA ALA B 496 -8.90 -16.65 -48.64
C ALA B 496 -8.80 -15.95 -47.29
N ALA B 497 -9.47 -16.51 -46.29
CA ALA B 497 -9.41 -16.02 -44.92
C ALA B 497 -8.00 -16.16 -44.34
N GLN B 498 -7.44 -17.35 -44.50
CA GLN B 498 -6.09 -17.67 -44.05
C GLN B 498 -5.04 -16.87 -44.82
N ASP B 499 -5.28 -16.69 -46.12
CA ASP B 499 -4.41 -15.89 -46.98
C ASP B 499 -4.35 -14.43 -46.55
N LEU B 500 -5.49 -13.90 -46.12
CA LEU B 500 -5.59 -12.50 -45.70
C LEU B 500 -4.97 -12.25 -44.32
N VAL B 501 -5.31 -13.12 -43.36
CA VAL B 501 -4.73 -13.05 -42.02
C VAL B 501 -3.19 -13.07 -42.10
N ARG B 502 -2.64 -13.97 -42.91
CA ARG B 502 -1.19 -14.03 -43.12
C ARG B 502 -0.67 -12.72 -43.68
N LYS B 503 -1.25 -12.29 -44.81
CA LYS B 503 -0.85 -11.07 -45.51
C LYS B 503 -0.93 -9.81 -44.62
N LEU B 504 -1.99 -9.72 -43.82
CA LEU B 504 -2.26 -8.54 -43.01
C LEU B 504 -1.42 -8.47 -41.74
N ALA B 505 -1.32 -9.60 -41.02
CA ALA B 505 -0.55 -9.66 -39.77
C ALA B 505 0.95 -9.54 -39.97
N ASN B 506 1.47 -10.16 -41.04
CA ASN B 506 2.88 -10.00 -41.42
C ASN B 506 3.20 -8.57 -41.85
N TRP B 507 2.23 -7.94 -42.51
CA TRP B 507 2.31 -6.53 -42.89
C TRP B 507 2.29 -5.64 -41.65
N ARG B 508 1.46 -5.99 -40.68
CA ARG B 508 1.35 -5.24 -39.42
C ARG B 508 2.68 -5.18 -38.67
N LYS B 509 3.49 -6.22 -38.83
CA LYS B 509 4.81 -6.29 -38.21
C LYS B 509 5.76 -5.21 -38.73
N ASN B 510 5.54 -4.80 -39.98
CA ASN B 510 6.37 -3.77 -40.60
C ASN B 510 5.77 -2.36 -40.50
N GLN B 511 4.73 -2.21 -39.68
CA GLN B 511 4.07 -0.92 -39.50
C GLN B 511 4.18 -0.38 -38.05
N PRO B 512 5.33 0.24 -37.70
CA PRO B 512 5.50 0.87 -36.38
C PRO B 512 4.46 1.96 -36.11
N VAL B 513 3.90 2.51 -37.18
CA VAL B 513 2.84 3.53 -37.07
C VAL B 513 1.57 2.94 -36.43
N ILE B 514 1.29 1.67 -36.70
CA ILE B 514 0.15 0.99 -36.08
C ILE B 514 0.50 0.61 -34.65
N HIS B 515 1.77 0.27 -34.41
CA HIS B 515 2.23 -0.07 -33.07
C HIS B 515 2.14 1.14 -32.14
N ASN B 516 2.76 2.23 -32.56
CA ASN B 516 3.00 3.39 -31.69
C ASN B 516 2.20 4.64 -32.05
N GLY B 517 2.05 4.89 -33.34
CA GLY B 517 1.46 6.13 -33.86
C GLY B 517 0.08 6.48 -33.34
N ARG B 518 -0.31 7.73 -33.57
CA ARG B 518 -1.55 8.29 -33.03
C ARG B 518 -2.79 7.73 -33.75
N LEU B 519 -3.96 7.99 -33.17
CA LEU B 519 -5.23 7.61 -33.77
C LEU B 519 -6.15 8.81 -33.86
N MET B 520 -6.73 9.02 -35.04
CA MET B 520 -7.83 9.96 -35.19
C MET B 520 -8.98 9.26 -35.88
N HIS B 521 -10.10 9.18 -35.18
CA HIS B 521 -11.28 8.53 -35.72
C HIS B 521 -12.43 9.52 -35.88
N PHE B 522 -13.31 9.24 -36.84
CA PHE B 522 -14.44 10.10 -37.12
C PHE B 522 -15.73 9.43 -36.70
N GLY B 523 -16.71 10.23 -36.29
CA GLY B 523 -18.01 9.71 -35.86
C GLY B 523 -18.73 9.00 -37.00
N PRO B 524 -19.09 7.72 -36.80
CA PRO B 524 -19.79 6.94 -37.80
C PRO B 524 -21.10 7.60 -38.20
N GLU B 525 -21.29 7.80 -39.50
CA GLU B 525 -22.53 8.32 -40.05
C GLU B 525 -23.11 7.27 -41.00
N GLU B 526 -24.41 7.03 -40.87
CA GLU B 526 -25.12 6.03 -41.69
C GLU B 526 -24.35 4.70 -41.79
N ASN B 527 -23.87 4.23 -40.65
CA ASN B 527 -23.13 2.96 -40.54
C ASN B 527 -21.85 2.86 -41.37
N THR B 528 -21.20 4.00 -41.61
CA THR B 528 -19.87 4.05 -42.23
C THR B 528 -18.87 4.62 -41.23
N TRP B 529 -17.60 4.22 -41.35
CA TRP B 529 -16.59 4.63 -40.37
C TRP B 529 -15.21 4.85 -40.96
N VAL B 530 -14.63 6.01 -40.67
CA VAL B 530 -13.29 6.37 -41.14
C VAL B 530 -12.37 6.71 -39.95
N TYR B 531 -11.20 6.08 -39.91
CA TYR B 531 -10.18 6.45 -38.93
C TYR B 531 -8.76 6.36 -39.49
N PHE B 532 -7.80 6.91 -38.74
CA PHE B 532 -6.45 7.06 -39.23
C PHE B 532 -5.40 6.65 -38.19
N ARG B 533 -4.33 6.02 -38.68
CA ARG B 533 -3.14 5.79 -37.87
C ARG B 533 -2.02 6.61 -38.48
N TYR B 534 -1.46 7.54 -37.71
CA TYR B 534 -0.56 8.53 -38.27
C TYR B 534 0.62 8.95 -37.38
N ASN B 535 1.72 9.27 -38.05
CA ASN B 535 2.88 9.93 -37.47
C ASN B 535 3.62 10.70 -38.57
N LYS B 536 4.87 11.08 -38.31
CA LYS B 536 5.68 11.80 -39.30
C LYS B 536 6.11 10.92 -40.49
N ASP B 537 6.16 9.62 -40.27
CA ASP B 537 6.61 8.67 -41.29
C ASP B 537 5.51 8.28 -42.28
N LYS B 538 4.30 8.06 -41.79
CA LYS B 538 3.26 7.40 -42.57
C LYS B 538 1.85 7.68 -42.05
N ARG B 539 0.87 7.67 -42.96
CA ARG B 539 -0.55 7.68 -42.63
C ARG B 539 -1.22 6.42 -43.16
N ILE B 540 -2.02 5.77 -42.31
CA ILE B 540 -2.83 4.64 -42.75
C ILE B 540 -4.31 4.98 -42.54
N MET B 541 -5.05 4.99 -43.64
CA MET B 541 -6.47 5.27 -43.60
C MET B 541 -7.27 3.99 -43.65
N VAL B 542 -8.11 3.78 -42.64
CA VAL B 542 -9.08 2.70 -42.65
C VAL B 542 -10.48 3.29 -42.77
N ALA B 543 -11.20 2.87 -43.82
CA ALA B 543 -12.59 3.25 -44.00
C ALA B 543 -13.42 2.01 -44.26
N MET B 544 -14.53 1.89 -43.54
CA MET B 544 -15.40 0.73 -43.68
C MET B 544 -16.87 1.10 -43.90
N ASN B 545 -17.51 0.35 -44.79
CA ASN B 545 -18.92 0.53 -45.10
C ASN B 545 -19.73 -0.66 -44.60
N ASN B 546 -20.47 -0.47 -43.52
CA ASN B 546 -21.25 -1.54 -42.92
C ASN B 546 -22.69 -1.58 -43.46
N ASN B 547 -22.81 -1.38 -44.77
CA ASN B 547 -24.09 -1.48 -45.47
C ASN B 547 -23.93 -2.29 -46.75
N ASP B 548 -24.95 -3.10 -47.07
CA ASP B 548 -24.94 -3.89 -48.30
C ASP B 548 -25.27 -3.05 -49.54
N LYS B 549 -25.35 -1.74 -49.34
CA LYS B 549 -25.53 -0.77 -50.42
C LYS B 549 -24.26 0.06 -50.59
N PRO B 550 -24.04 0.63 -51.79
CA PRO B 550 -22.89 1.52 -51.99
C PRO B 550 -23.03 2.80 -51.18
N MET B 551 -21.91 3.34 -50.71
CA MET B 551 -21.92 4.58 -49.93
C MET B 551 -20.85 5.57 -50.40
N THR B 552 -21.25 6.83 -50.53
CA THR B 552 -20.34 7.90 -50.92
C THR B 552 -20.12 8.83 -49.73
N LEU B 553 -18.85 9.12 -49.47
CA LEU B 553 -18.47 10.02 -48.38
C LEU B 553 -17.55 11.12 -48.91
N PRO B 554 -17.98 12.39 -48.79
CA PRO B 554 -17.13 13.52 -49.19
C PRO B 554 -15.84 13.58 -48.35
N THR B 555 -14.70 13.71 -49.02
CA THR B 555 -13.40 13.70 -48.34
C THR B 555 -13.04 15.03 -47.67
N ALA B 556 -13.90 16.03 -47.84
CA ALA B 556 -13.73 17.34 -47.21
C ALA B 556 -13.78 17.24 -45.68
N ARG B 557 -14.56 16.27 -45.19
CA ARG B 557 -14.73 16.04 -43.76
C ARG B 557 -13.44 15.57 -43.09
N PHE B 558 -12.59 14.90 -43.85
CA PHE B 558 -11.36 14.33 -43.31
C PHE B 558 -10.10 15.06 -43.77
N GLN B 559 -10.26 16.32 -44.18
CA GLN B 559 -9.16 17.09 -44.73
C GLN B 559 -8.03 17.39 -43.73
N GLU B 560 -8.36 17.38 -42.43
CA GLU B 560 -7.34 17.59 -41.41
C GLU B 560 -6.42 16.37 -41.29
N MET B 561 -6.85 15.25 -41.88
CA MET B 561 -6.05 14.04 -41.95
C MET B 561 -5.50 13.77 -43.35
N LEU B 562 -6.32 14.04 -44.37
CA LEU B 562 -5.90 13.82 -45.76
C LEU B 562 -4.96 14.89 -46.29
N LYS B 563 -5.19 16.13 -45.87
CA LYS B 563 -4.39 17.30 -46.29
C LYS B 563 -4.14 17.36 -47.81
N GLY B 564 -5.24 17.27 -48.56
CA GLY B 564 -5.18 17.38 -50.02
C GLY B 564 -4.55 16.19 -50.72
N ALA B 565 -4.76 15.00 -50.16
CA ALA B 565 -4.28 13.77 -50.79
C ALA B 565 -5.12 13.44 -52.02
N PRO B 566 -4.46 13.33 -53.20
CA PRO B 566 -5.18 13.06 -54.45
C PRO B 566 -5.72 11.63 -54.51
N SER B 567 -4.90 10.66 -54.12
CA SER B 567 -5.28 9.26 -54.08
C SER B 567 -4.29 8.45 -53.22
N GLY B 568 -4.65 7.21 -52.94
CA GLY B 568 -3.79 6.29 -52.21
C GLY B 568 -4.04 4.84 -52.59
N VAL B 569 -3.06 3.98 -52.34
CA VAL B 569 -3.14 2.57 -52.69
C VAL B 569 -3.79 1.76 -51.56
N ASP B 570 -4.91 1.11 -51.87
CA ASP B 570 -5.57 0.20 -50.94
C ASP B 570 -4.77 -1.10 -50.88
N PHE B 571 -4.20 -1.38 -49.70
CA PHE B 571 -3.34 -2.54 -49.50
C PHE B 571 -4.05 -3.88 -49.72
N LEU B 572 -5.34 -3.93 -49.40
CA LEU B 572 -6.13 -5.15 -49.52
C LEU B 572 -6.35 -5.55 -50.97
N SER B 573 -7.14 -4.76 -51.70
CA SER B 573 -7.48 -5.08 -53.08
C SER B 573 -6.37 -4.75 -54.09
N GLY B 574 -5.52 -3.78 -53.74
CA GLY B 574 -4.41 -3.35 -54.59
C GLY B 574 -4.73 -2.13 -55.46
N LYS B 575 -6.01 -1.79 -55.56
CA LYS B 575 -6.48 -0.73 -56.46
C LYS B 575 -6.30 0.68 -55.88
N THR B 576 -6.06 1.64 -56.76
CA THR B 576 -5.98 3.06 -56.40
C THR B 576 -7.39 3.59 -56.09
N VAL B 577 -7.50 4.36 -55.01
CA VAL B 577 -8.79 4.92 -54.59
C VAL B 577 -8.76 6.45 -54.65
N GLY B 578 -9.69 7.03 -55.39
CA GLY B 578 -9.82 8.48 -55.52
C GLY B 578 -10.22 9.14 -54.22
N LEU B 579 -9.45 10.15 -53.83
CA LEU B 579 -9.66 10.87 -52.57
C LEU B 579 -9.75 12.38 -52.78
N GLY B 580 -9.99 12.78 -54.04
CA GLY B 580 -10.03 14.19 -54.42
C GLY B 580 -11.14 14.99 -53.77
N ARG B 581 -12.37 14.50 -53.91
CA ARG B 581 -13.54 15.18 -53.36
C ARG B 581 -14.47 14.20 -52.64
N GLU B 582 -14.55 12.98 -53.18
CA GLU B 582 -15.40 11.94 -52.62
C GLU B 582 -14.64 10.63 -52.39
N LEU B 583 -15.13 9.81 -51.47
CA LEU B 583 -14.55 8.49 -51.21
C LEU B 583 -15.52 7.40 -51.65
N ARG B 584 -15.05 6.54 -52.55
CA ARG B 584 -15.89 5.48 -53.11
C ARG B 584 -15.77 4.19 -52.29
N LEU B 585 -16.85 3.82 -51.62
CA LEU B 585 -16.89 2.58 -50.84
C LEU B 585 -17.89 1.59 -51.40
N ALA B 586 -17.40 0.39 -51.69
CA ALA B 586 -18.23 -0.70 -52.21
C ALA B 586 -19.21 -1.22 -51.15
N PRO B 587 -20.30 -1.89 -51.58
CA PRO B 587 -21.20 -2.54 -50.62
C PRO B 587 -20.44 -3.50 -49.71
N LYS B 588 -20.62 -3.33 -48.40
CA LYS B 588 -19.94 -4.13 -47.37
C LYS B 588 -18.44 -4.28 -47.65
N SER B 589 -17.70 -3.18 -47.49
CA SER B 589 -16.28 -3.18 -47.82
C SER B 589 -15.44 -2.48 -46.75
N VAL B 590 -14.15 -2.79 -46.76
CA VAL B 590 -13.18 -2.12 -45.92
C VAL B 590 -11.91 -1.85 -46.74
N VAL B 591 -11.36 -0.65 -46.61
CA VAL B 591 -10.13 -0.29 -47.32
C VAL B 591 -9.03 0.12 -46.35
N VAL B 592 -7.80 -0.26 -46.68
CA VAL B 592 -6.62 0.12 -45.91
C VAL B 592 -5.72 0.95 -46.82
N ILE B 593 -6.01 2.24 -46.89
CA ILE B 593 -5.28 3.16 -47.76
C ILE B 593 -4.03 3.67 -47.05
N GLU B 594 -2.87 3.33 -47.61
CA GLU B 594 -1.59 3.80 -47.10
C GLU B 594 -1.20 5.13 -47.75
N LEU B 595 -0.59 6.01 -46.97
CA LEU B 595 -0.24 7.37 -47.41
C LEU B 595 1.10 7.82 -46.81
N PRO B 596 1.77 8.79 -47.47
CA PRO B 596 3.00 9.36 -46.89
C PRO B 596 2.71 10.20 -45.64
N GLY B 597 3.73 10.35 -44.79
CA GLY B 597 3.59 11.13 -43.55
C GLY B 597 3.46 12.62 -43.80
N LEU B 598 2.84 13.31 -42.85
CA LEU B 598 2.61 14.76 -42.94
C LEU B 598 3.90 15.55 -42.74
N PRO B 599 4.06 16.69 -43.46
CA PRO B 599 5.26 17.50 -43.30
C PRO B 599 5.22 18.37 -42.04
C1 GLC C . -14.70 -22.99 -17.07
C2 GLC C . -14.47 -23.54 -18.48
C3 GLC C . -15.65 -24.42 -18.95
C4 GLC C . -16.14 -25.41 -17.89
C5 GLC C . -16.03 -24.94 -16.42
C6 GLC C . -15.83 -26.16 -15.53
O2 GLC C . -14.31 -22.45 -19.38
O3 GLC C . -15.26 -25.16 -20.11
O4 GLC C . -17.51 -25.69 -18.28
O5 GLC C . -14.91 -24.05 -16.13
O6 GLC C . -17.09 -26.56 -14.99
C1 GLC C . -17.81 -27.10 -18.32
C2 GLC C . -18.69 -27.54 -19.51
C3 GLC C . -20.02 -26.79 -19.48
C4 GLC C . -20.76 -27.03 -18.16
C5 GLC C . -19.82 -26.83 -16.95
C6 GLC C . -20.43 -27.43 -15.67
O2 GLC C . -18.01 -27.36 -20.76
O3 GLC C . -20.84 -27.23 -20.58
O4 GLC C . -21.85 -26.09 -18.08
O5 GLC C . -18.52 -27.48 -17.12
O6 GLC C . -20.81 -26.36 -14.79
C1 GLC C . -23.14 -26.75 -18.06
C2 GLC C . -24.15 -26.06 -18.99
C3 GLC C . -24.46 -24.64 -18.51
C4 GLC C . -24.77 -24.55 -17.00
C5 GLC C . -23.86 -25.46 -16.13
C6 GLC C . -24.44 -25.64 -14.71
O2 GLC C . -23.64 -26.02 -20.32
O3 GLC C . -25.58 -24.12 -19.25
O4 GLC C . -24.54 -23.18 -16.63
O5 GLC C . -23.65 -26.78 -16.71
O6 GLC C . -23.72 -26.67 -14.04
C1 GLC C . -25.74 -22.45 -16.31
C2 GLC C . -25.91 -21.22 -17.21
C3 GLC C . -24.75 -20.23 -17.04
C4 GLC C . -24.39 -19.94 -15.57
C5 GLC C . -24.59 -21.13 -14.60
C6 GLC C . -24.80 -20.62 -13.16
O2 GLC C . -25.99 -21.63 -18.58
O3 GLC C . -25.07 -19.00 -17.71
O4 GLC C . -23.00 -19.61 -15.62
O5 GLC C . -25.72 -22.01 -14.92
O6 GLC C . -25.08 -21.73 -12.30
C1 GLC C . -22.67 -18.34 -14.99
C2 GLC C . -21.94 -17.42 -15.98
C3 GLC C . -20.60 -18.02 -16.43
C4 GLC C . -19.73 -18.48 -15.24
C5 GLC C . -20.56 -19.26 -14.19
C6 GLC C . -19.80 -19.50 -12.88
O2 GLC C . -22.78 -17.19 -17.11
O3 GLC C . -19.89 -17.06 -17.22
O4 GLC C . -18.65 -19.29 -15.77
O5 GLC C . -21.81 -18.59 -13.85
O6 GLC C . -18.91 -20.59 -13.05
C1 GLC C . -17.36 -18.68 -15.49
C2 GLC C . -16.52 -18.46 -16.76
C3 GLC C . -16.00 -19.76 -17.39
C4 GLC C . -15.55 -20.83 -16.37
C5 GLC C . -16.25 -20.81 -15.00
C6 GLC C . -15.32 -21.38 -13.94
O2 GLC C . -17.29 -17.76 -17.74
O3 GLC C . -14.89 -19.46 -18.26
O4 GLC C . -15.84 -22.09 -17.01
O5 GLC C . -16.63 -19.49 -14.54
O6 GLC C . -15.56 -22.78 -13.80
CA CA D . 10.57 10.23 42.98
CA CA E . 15.24 3.84 12.07
CA CA F . -1.53 -36.41 -26.95
CA CA G . -10.39 -15.93 -4.78
#